data_6E64
#
_entry.id   6E64
#
_cell.length_a   71.879
_cell.length_b   86.522
_cell.length_c   139.872
_cell.angle_alpha   90.00
_cell.angle_beta   90.00
_cell.angle_gamma   90.00
#
_symmetry.space_group_name_H-M   'P 21 21 21'
#
loop_
_entity.id
_entity.type
_entity.pdbx_description
1 polymer '85RF45.1 Fab heavy chain'
2 polymer '85RF45.1 Fab light chain'
#
loop_
_entity_poly.entity_id
_entity_poly.type
_entity_poly.pdbx_seq_one_letter_code
_entity_poly.pdbx_strand_id
1 'polypeptide(L)'
;EVQLVESGGGLLQPGRSLKLSCVASGFTFNNYWMSWIRQAPGKGLEWIASISNIGGTIYYPDSVKGRFTISRDSAQNTLY
LQMNSLRSEDTATYYCTRDLRMSDYFDYWGQGTMVTVSSASTKGPSVFPLAPSSKSTSGGTAALGCLVKDYFPEPVTVSW
NSGALTSGVHTFPAVLQSSGLYSLSSVVTVPSSSLGTQTYICNVNHKPSNTKVDKKVEPKSC
;
H,A
2 'polypeptide(L)'
;QFVLSQPNSVSTNLGSTVKLLCKRSTGNIGSNYVSWYQHHEGRSPTTMIYRDDQRPDGVPDRFSGSIDRSSNSALLTIDN
VQTEDEAAYFCHSYSTGMYIFGGGTKLTVLGQPKAAPSVTLFPPSSEELQANKATLVCLISDFYPGAVTVAWKADSSPVK
AGVETTTPSKQSNNKYAASSYLSLTPEQWKSHRSYSCQVTHEGSTVEKTVAPTEC
;
L,B
#
# COMPACT_ATOMS: atom_id res chain seq x y z
N GLU A 1 27.20 31.78 -17.90
CA GLU A 1 27.03 30.45 -17.36
C GLU A 1 27.10 29.40 -18.46
N VAL A 2 27.39 28.16 -18.07
CA VAL A 2 27.57 27.07 -19.03
C VAL A 2 26.27 26.82 -19.77
N GLN A 3 26.36 26.71 -21.09
CA GLN A 3 25.21 26.38 -21.94
C GLN A 3 25.60 25.32 -22.96
N LEU A 4 24.79 24.27 -23.05
CA LEU A 4 24.96 23.22 -24.06
C LEU A 4 23.63 23.09 -24.79
N VAL A 5 23.59 23.54 -26.03
CA VAL A 5 22.38 23.52 -26.85
C VAL A 5 22.61 22.55 -28.00
N GLU A 6 21.74 21.55 -28.09
CA GLU A 6 21.89 20.50 -29.08
C GLU A 6 20.90 20.67 -30.21
N SER A 7 21.32 20.30 -31.42
CA SER A 7 20.48 20.40 -32.60
C SER A 7 20.72 19.16 -33.45
N GLY A 8 19.99 19.07 -34.56
CA GLY A 8 20.02 17.90 -35.39
C GLY A 8 18.87 16.97 -35.07
N GLY A 9 19.05 15.70 -35.41
CA GLY A 9 18.06 14.72 -35.03
C GLY A 9 16.83 14.77 -35.91
N GLY A 10 15.83 14.01 -35.50
CA GLY A 10 14.59 13.94 -36.25
C GLY A 10 14.16 12.52 -36.51
N LEU A 11 13.43 12.33 -37.60
CA LEU A 11 12.91 11.03 -37.97
C LEU A 11 13.76 10.46 -39.11
N LEU A 12 14.15 9.20 -38.98
CA LEU A 12 15.07 8.54 -39.90
C LEU A 12 14.49 7.18 -40.29
N GLN A 13 15.21 6.48 -41.15
CA GLN A 13 14.87 5.13 -41.56
C GLN A 13 16.03 4.20 -41.22
N PRO A 14 15.75 2.90 -41.06
CA PRO A 14 16.84 1.95 -40.79
C PRO A 14 17.88 1.97 -41.90
N GLY A 15 19.15 1.87 -41.49
CA GLY A 15 20.26 1.90 -42.41
C GLY A 15 20.68 3.28 -42.88
N ARG A 16 19.94 4.32 -42.56
CA ARG A 16 20.28 5.68 -43.00
C ARG A 16 21.27 6.28 -42.01
N SER A 17 21.46 7.60 -42.06
CA SER A 17 22.49 8.25 -41.26
C SER A 17 22.02 9.62 -40.77
N LEU A 18 22.74 10.14 -39.80
CA LEU A 18 22.44 11.41 -39.14
C LEU A 18 23.70 11.94 -38.48
N LYS A 19 23.79 13.26 -38.34
CA LYS A 19 24.87 13.92 -37.60
C LYS A 19 24.28 14.89 -36.59
N LEU A 20 24.45 14.60 -35.30
CA LEU A 20 23.96 15.46 -34.23
C LEU A 20 24.99 16.55 -33.89
N SER A 21 24.47 17.70 -33.46
CA SER A 21 25.29 18.87 -33.13
C SER A 21 25.03 19.33 -31.70
N CYS A 22 26.10 19.69 -30.99
CA CYS A 22 26.01 20.31 -29.66
C CYS A 22 26.91 21.53 -29.64
N VAL A 23 26.30 22.72 -29.62
CA VAL A 23 27.04 23.98 -29.56
C VAL A 23 27.32 24.33 -28.10
N ALA A 24 28.56 24.68 -27.80
CA ALA A 24 29.00 24.99 -26.45
C ALA A 24 29.34 26.47 -26.30
N SER A 25 29.07 27.01 -25.11
CA SER A 25 29.34 28.41 -24.79
C SER A 25 29.27 28.59 -23.28
N GLY A 26 29.83 29.70 -22.81
CA GLY A 26 29.88 30.02 -21.40
C GLY A 26 31.11 29.50 -20.68
N PHE A 27 31.99 28.80 -21.38
CA PHE A 27 33.19 28.25 -20.80
C PHE A 27 34.23 28.10 -21.91
N THR A 28 35.43 27.69 -21.53
CA THR A 28 36.50 27.48 -22.49
C THR A 28 36.37 26.07 -23.05
N PHE A 29 35.95 25.99 -24.32
CA PHE A 29 35.54 24.72 -24.91
C PHE A 29 36.69 23.71 -24.94
N ASN A 30 37.91 24.17 -25.23
CA ASN A 30 39.02 23.25 -25.47
C ASN A 30 39.54 22.57 -24.21
N ASN A 31 39.19 23.04 -23.01
CA ASN A 31 39.67 22.38 -21.80
C ASN A 31 39.00 21.03 -21.57
N TYR A 32 37.69 20.94 -21.76
CA TYR A 32 36.93 19.81 -21.25
C TYR A 32 36.72 18.67 -22.24
N TRP A 33 36.54 17.48 -21.68
CA TRP A 33 36.11 16.32 -22.43
C TRP A 33 34.62 16.47 -22.70
N MET A 34 34.11 15.67 -23.64
CA MET A 34 32.70 15.76 -23.98
C MET A 34 32.19 14.35 -24.20
N SER A 35 30.88 14.17 -24.01
CA SER A 35 30.29 12.85 -24.07
C SER A 35 28.88 12.94 -24.62
N TRP A 36 28.38 11.81 -25.09
CA TRP A 36 27.00 11.67 -25.51
C TRP A 36 26.36 10.58 -24.67
N ILE A 37 25.22 10.91 -24.07
CA ILE A 37 24.42 9.96 -23.33
C ILE A 37 23.04 9.95 -23.94
N ARG A 38 22.46 8.76 -24.10
CA ARG A 38 21.10 8.63 -24.62
C ARG A 38 20.27 7.87 -23.61
N GLN A 39 18.97 8.11 -23.68
CA GLN A 39 17.99 7.33 -22.94
C GLN A 39 16.90 6.95 -23.92
N ALA A 40 16.79 5.66 -24.22
CA ALA A 40 15.71 5.21 -25.06
C ALA A 40 14.41 5.34 -24.25
N PRO A 41 13.26 5.47 -24.92
CA PRO A 41 12.02 5.63 -24.15
C PRO A 41 11.74 4.41 -23.30
N GLY A 42 11.34 4.67 -22.05
CA GLY A 42 11.11 3.59 -21.11
C GLY A 42 12.34 2.77 -20.84
N LYS A 43 13.49 3.43 -20.69
CA LYS A 43 14.75 2.74 -20.46
C LYS A 43 15.66 3.67 -19.68
N GLY A 44 16.75 3.10 -19.17
CA GLY A 44 17.69 3.86 -18.37
C GLY A 44 18.66 4.65 -19.21
N LEU A 45 19.60 5.31 -18.52
CA LEU A 45 20.63 6.04 -19.23
C LEU A 45 21.68 5.08 -19.76
N GLU A 46 22.21 5.42 -20.92
CA GLU A 46 23.24 4.60 -21.57
C GLU A 46 24.29 5.53 -22.14
N TRP A 47 25.55 5.22 -21.85
CA TRP A 47 26.66 6.01 -22.36
C TRP A 47 27.01 5.53 -23.77
N ILE A 48 27.28 6.48 -24.65
CA ILE A 48 27.44 6.22 -26.08
C ILE A 48 28.84 6.52 -26.56
N ALA A 49 29.34 7.71 -26.25
CA ALA A 49 30.64 8.13 -26.76
C ALA A 49 31.26 9.10 -25.76
N SER A 50 32.58 9.13 -25.80
CA SER A 50 33.36 10.08 -25.01
C SER A 50 34.57 10.44 -25.84
N ILE A 51 34.85 11.72 -25.95
CA ILE A 51 35.98 12.21 -26.72
C ILE A 51 36.84 13.05 -25.79
N SER A 52 38.15 13.07 -26.05
CA SER A 52 39.01 13.94 -25.28
C SER A 52 38.75 15.39 -25.69
N ASN A 53 39.37 16.31 -24.95
CA ASN A 53 39.22 17.72 -25.27
C ASN A 53 40.01 18.14 -26.49
N ILE A 54 40.95 17.30 -26.92
CA ILE A 54 41.81 17.52 -28.06
C ILE A 54 41.42 16.60 -29.21
N GLY A 55 40.36 15.81 -29.03
CA GLY A 55 40.09 14.79 -30.01
C GLY A 55 41.08 13.66 -29.93
N GLY A 56 41.71 13.46 -28.77
CA GLY A 56 42.80 12.54 -28.66
C GLY A 56 42.42 11.11 -28.33
N THR A 57 41.57 10.89 -27.34
CA THR A 57 41.15 9.55 -26.99
C THR A 57 39.64 9.49 -27.07
N ILE A 58 39.13 8.39 -27.59
CA ILE A 58 37.72 8.27 -27.90
C ILE A 58 37.25 6.88 -27.51
N TYR A 59 36.29 6.81 -26.60
CA TYR A 59 35.80 5.56 -26.07
C TYR A 59 34.37 5.33 -26.55
N TYR A 60 34.08 4.09 -26.94
CA TYR A 60 32.77 3.69 -27.41
C TYR A 60 32.42 2.38 -26.72
N PRO A 61 31.18 2.20 -26.29
CA PRO A 61 30.72 0.86 -25.92
C PRO A 61 30.51 0.00 -27.15
N ASP A 62 30.31 -1.30 -26.89
CA ASP A 62 30.22 -2.24 -28.00
C ASP A 62 28.88 -2.15 -28.73
N SER A 63 27.84 -1.61 -28.09
CA SER A 63 26.53 -1.58 -28.73
C SER A 63 26.50 -0.64 -29.94
N VAL A 64 27.38 0.36 -29.97
CA VAL A 64 27.38 1.33 -31.06
C VAL A 64 28.78 1.44 -31.69
N LYS A 65 29.66 0.50 -31.34
CA LYS A 65 31.04 0.57 -31.85
C LYS A 65 31.05 0.46 -33.36
N GLY A 66 31.81 1.36 -34.00
CA GLY A 66 31.94 1.35 -35.44
C GLY A 66 30.75 1.90 -36.18
N ARG A 67 29.67 2.23 -35.47
CA ARG A 67 28.51 2.84 -36.08
C ARG A 67 28.47 4.34 -35.85
N PHE A 68 28.88 4.79 -34.67
CA PHE A 68 28.91 6.20 -34.34
C PHE A 68 30.33 6.73 -34.36
N THR A 69 30.47 8.00 -34.72
CA THR A 69 31.76 8.67 -34.75
C THR A 69 31.60 10.03 -34.09
N ILE A 70 32.37 10.26 -33.03
CA ILE A 70 32.28 11.51 -32.27
C ILE A 70 33.46 12.39 -32.68
N SER A 71 33.19 13.69 -32.79
CA SER A 71 34.19 14.65 -33.26
C SER A 71 33.92 15.99 -32.60
N ARG A 72 34.84 16.94 -32.80
CA ARG A 72 34.66 18.28 -32.27
C ARG A 72 35.38 19.29 -33.14
N ASP A 73 34.84 20.50 -33.14
CA ASP A 73 35.38 21.64 -33.91
C ASP A 73 35.74 22.72 -32.90
N SER A 74 37.04 22.94 -32.69
CA SER A 74 37.46 23.94 -31.71
C SER A 74 36.98 25.33 -32.12
N ALA A 75 37.05 25.64 -33.41
CA ALA A 75 36.72 26.99 -33.88
C ALA A 75 35.25 27.33 -33.66
N GLN A 76 34.36 26.34 -33.73
CA GLN A 76 32.93 26.58 -33.63
C GLN A 76 32.33 26.06 -32.32
N ASN A 77 33.17 25.62 -31.39
CA ASN A 77 32.72 25.21 -30.05
C ASN A 77 31.63 24.14 -30.12
N THR A 78 31.82 23.16 -30.99
CA THR A 78 30.75 22.23 -31.32
C THR A 78 31.21 20.79 -31.18
N LEU A 79 30.34 19.97 -30.59
CA LEU A 79 30.54 18.54 -30.46
C LEU A 79 29.57 17.83 -31.40
N TYR A 80 30.08 16.84 -32.12
CA TYR A 80 29.29 16.15 -33.13
C TYR A 80 29.21 14.66 -32.81
N LEU A 81 28.11 14.04 -33.21
CA LEU A 81 27.95 12.60 -33.14
C LEU A 81 27.38 12.15 -34.47
N GLN A 82 28.23 11.53 -35.28
CA GLN A 82 27.82 11.01 -36.58
C GLN A 82 27.29 9.61 -36.35
N MET A 83 25.98 9.44 -36.53
CA MET A 83 25.34 8.14 -36.41
C MET A 83 25.13 7.59 -37.82
N ASN A 84 25.68 6.43 -38.08
CA ASN A 84 25.55 5.76 -39.37
C ASN A 84 24.93 4.39 -39.18
N SER A 85 24.35 3.87 -40.25
CA SER A 85 23.71 2.53 -40.25
C SER A 85 22.76 2.40 -39.07
N LEU A 86 21.89 3.41 -38.92
CA LEU A 86 20.99 3.49 -37.77
C LEU A 86 20.04 2.29 -37.71
N ARG A 87 19.52 2.06 -36.52
CA ARG A 87 18.61 0.97 -36.25
C ARG A 87 17.42 1.49 -35.45
N SER A 88 16.40 0.64 -35.33
CA SER A 88 15.24 1.00 -34.52
C SER A 88 15.61 1.09 -33.05
N GLU A 89 16.62 0.32 -32.62
CA GLU A 89 17.08 0.37 -31.23
C GLU A 89 17.61 1.75 -30.87
N ASP A 90 18.33 2.40 -31.79
CA ASP A 90 18.96 3.68 -31.52
C ASP A 90 17.96 4.82 -31.30
N THR A 91 16.66 4.56 -31.38
CA THR A 91 15.67 5.58 -31.09
C THR A 91 15.73 5.95 -29.61
N ALA A 92 16.07 7.20 -29.33
CA ALA A 92 16.29 7.64 -27.95
C ALA A 92 16.33 9.17 -27.92
N THR A 93 16.48 9.71 -26.72
CA THR A 93 16.73 11.13 -26.52
C THR A 93 18.21 11.27 -26.19
N TYR A 94 18.92 12.06 -26.98
CA TYR A 94 20.37 12.12 -26.92
C TYR A 94 20.83 13.38 -26.19
N TYR A 95 21.65 13.19 -25.16
CA TYR A 95 22.09 14.28 -24.31
C TYR A 95 23.57 14.54 -24.50
N CYS A 96 23.92 15.83 -24.56
CA CYS A 96 25.30 16.27 -24.69
C CYS A 96 25.77 16.75 -23.32
N THR A 97 26.98 16.35 -22.94
CA THR A 97 27.49 16.61 -21.61
C THR A 97 28.90 17.18 -21.68
N ARG A 98 29.24 17.98 -20.67
CA ARG A 98 30.62 18.39 -20.43
C ARG A 98 31.20 17.50 -19.34
N ASP A 99 32.37 16.94 -19.60
CA ASP A 99 32.99 16.04 -18.65
C ASP A 99 34.06 16.76 -17.85
N LEU A 100 34.33 16.22 -16.66
CA LEU A 100 35.47 16.60 -15.84
C LEU A 100 36.27 15.31 -15.68
N ARG A 101 37.27 15.15 -16.55
CA ARG A 101 38.02 13.90 -16.61
C ARG A 101 38.68 13.58 -15.28
N MET A 102 39.04 14.62 -14.52
CA MET A 102 39.71 14.43 -13.24
C MET A 102 38.81 13.78 -12.20
N SER A 103 37.49 13.89 -12.33
CA SER A 103 36.58 13.39 -11.32
C SER A 103 35.61 12.30 -11.80
N ASP A 104 35.67 11.91 -13.07
CA ASP A 104 34.81 10.88 -13.65
C ASP A 104 33.33 11.15 -13.38
N TYR A 105 32.84 12.24 -13.98
CA TYR A 105 31.42 12.57 -13.90
C TYR A 105 31.14 13.72 -14.87
N PHE A 106 29.87 13.82 -15.27
CA PHE A 106 29.40 14.85 -16.19
C PHE A 106 28.74 15.95 -15.37
N ASP A 107 29.35 17.13 -15.35
CA ASP A 107 28.87 18.21 -14.49
C ASP A 107 27.83 19.11 -15.16
N TYR A 108 27.65 19.01 -16.48
CA TYR A 108 26.65 19.83 -17.15
C TYR A 108 26.02 19.03 -18.28
N TRP A 109 24.69 19.11 -18.39
CA TRP A 109 23.93 18.39 -19.38
C TRP A 109 23.25 19.36 -20.33
N GLY A 110 23.08 18.91 -21.57
CA GLY A 110 22.41 19.71 -22.58
C GLY A 110 20.90 19.71 -22.38
N GLN A 111 20.22 20.21 -23.41
CA GLN A 111 18.76 20.20 -23.42
C GLN A 111 18.19 18.88 -23.91
N GLY A 112 18.95 18.12 -24.69
CA GLY A 112 18.46 16.87 -25.24
C GLY A 112 17.90 17.04 -26.64
N THR A 113 18.15 16.04 -27.49
CA THR A 113 17.60 16.04 -28.84
C THR A 113 16.99 14.67 -29.08
N MET A 114 15.79 14.65 -29.62
CA MET A 114 15.07 13.40 -29.85
C MET A 114 15.39 12.88 -31.24
N VAL A 115 15.70 11.59 -31.33
CA VAL A 115 15.94 10.90 -32.58
C VAL A 115 14.96 9.73 -32.66
N THR A 116 14.20 9.67 -33.75
CA THR A 116 13.30 8.57 -34.01
C THR A 116 13.77 7.85 -35.26
N VAL A 117 13.77 6.53 -35.21
CA VAL A 117 14.24 5.69 -36.31
C VAL A 117 13.21 4.58 -36.47
N SER A 118 12.42 4.67 -37.54
CA SER A 118 11.39 3.68 -37.82
C SER A 118 11.20 3.61 -39.33
N SER A 119 10.68 2.47 -39.78
CA SER A 119 10.42 2.23 -41.19
C SER A 119 8.98 2.57 -41.57
N ALA A 120 8.30 3.39 -40.78
CA ALA A 120 6.99 3.93 -41.12
C ALA A 120 7.11 5.24 -41.88
N SER A 121 6.04 5.58 -42.58
CA SER A 121 5.84 6.88 -43.21
C SER A 121 4.45 7.37 -42.88
N THR A 122 4.21 8.66 -43.13
CA THR A 122 2.98 9.32 -42.68
C THR A 122 1.74 8.50 -43.03
N LYS A 123 0.86 8.35 -42.03
CA LYS A 123 -0.34 7.53 -42.16
C LYS A 123 -1.43 8.06 -41.24
N GLY A 124 -2.64 8.18 -41.77
CA GLY A 124 -3.79 8.53 -40.98
C GLY A 124 -4.30 7.36 -40.17
N PRO A 125 -5.06 7.65 -39.12
CA PRO A 125 -5.54 6.57 -38.24
C PRO A 125 -6.82 5.94 -38.75
N SER A 126 -7.01 4.67 -38.39
CA SER A 126 -8.27 3.98 -38.56
C SER A 126 -9.02 4.06 -37.24
N VAL A 127 -10.14 4.77 -37.22
CA VAL A 127 -10.88 5.05 -36.00
C VAL A 127 -12.10 4.14 -35.94
N PHE A 128 -12.22 3.40 -34.84
CA PHE A 128 -13.32 2.48 -34.59
C PHE A 128 -14.02 2.86 -33.29
N PRO A 129 -15.31 2.57 -33.16
CA PRO A 129 -16.01 2.91 -31.92
C PRO A 129 -15.88 1.81 -30.86
N LEU A 130 -15.74 2.26 -29.62
CA LEU A 130 -15.67 1.37 -28.47
C LEU A 130 -17.02 1.47 -27.78
N ALA A 131 -17.89 0.52 -28.06
CA ALA A 131 -19.24 0.56 -27.53
C ALA A 131 -19.21 0.39 -26.00
N PRO A 132 -20.17 0.96 -25.30
CA PRO A 132 -20.07 1.02 -23.84
C PRO A 132 -20.02 -0.34 -23.17
N SER A 133 -19.42 -0.32 -21.98
CA SER A 133 -19.48 -1.40 -21.01
C SER A 133 -19.44 -0.76 -19.63
N SER A 134 -19.69 -1.56 -18.60
CA SER A 134 -20.04 -1.02 -17.29
C SER A 134 -18.81 -0.59 -16.47
N LYS A 135 -19.11 0.04 -15.34
CA LYS A 135 -18.15 0.49 -14.34
C LYS A 135 -18.82 0.49 -12.98
N GLY A 139 -23.35 -1.35 -10.74
CA GLY A 139 -23.16 -0.64 -11.99
C GLY A 139 -23.60 0.81 -11.90
N GLY A 140 -24.17 1.33 -12.98
CA GLY A 140 -24.68 2.68 -13.02
C GLY A 140 -23.80 3.68 -13.74
N THR A 141 -22.49 3.42 -13.82
CA THR A 141 -21.53 4.20 -14.59
C THR A 141 -20.97 3.33 -15.69
N ALA A 142 -21.01 3.82 -16.92
CA ALA A 142 -20.51 3.07 -18.05
C ALA A 142 -19.36 3.82 -18.69
N ALA A 143 -18.54 3.08 -19.44
CA ALA A 143 -17.37 3.62 -20.11
C ALA A 143 -17.51 3.39 -21.61
N LEU A 144 -17.33 4.45 -22.39
CA LEU A 144 -17.36 4.34 -23.84
C LEU A 144 -16.24 5.19 -24.42
N GLY A 145 -15.84 4.86 -25.64
CA GLY A 145 -14.74 5.55 -26.27
C GLY A 145 -14.66 5.19 -27.73
N CYS A 146 -13.51 5.52 -28.32
CA CYS A 146 -13.23 5.13 -29.70
C CYS A 146 -11.74 4.88 -29.85
N LEU A 147 -11.39 3.84 -30.61
CA LEU A 147 -10.02 3.38 -30.74
C LEU A 147 -9.36 4.03 -31.95
N VAL A 148 -8.19 4.61 -31.72
CA VAL A 148 -7.46 5.36 -32.75
C VAL A 148 -6.23 4.50 -33.10
N LYS A 149 -6.35 3.72 -34.17
CA LYS A 149 -5.39 2.69 -34.49
C LYS A 149 -4.49 3.05 -35.67
N ASP A 150 -3.23 2.65 -35.57
CA ASP A 150 -2.29 2.58 -36.69
C ASP A 150 -2.17 3.93 -37.41
N TYR A 151 -1.64 4.90 -36.69
CA TYR A 151 -1.27 6.19 -37.27
C TYR A 151 0.22 6.44 -37.08
N PHE A 152 0.75 7.41 -37.82
CA PHE A 152 2.12 7.84 -37.68
C PHE A 152 2.29 9.20 -38.36
N PRO A 153 3.03 10.15 -37.76
CA PRO A 153 3.60 10.10 -36.42
C PRO A 153 2.66 10.69 -35.39
N GLU A 154 3.13 10.81 -34.14
CA GLU A 154 2.42 11.58 -33.16
C GLU A 154 2.40 13.06 -33.56
N PRO A 155 1.43 13.85 -33.07
CA PRO A 155 0.37 13.46 -32.14
C PRO A 155 -0.98 13.21 -32.81
N VAL A 156 -1.92 12.69 -32.02
CA VAL A 156 -3.34 12.68 -32.34
C VAL A 156 -4.04 13.46 -31.23
N THR A 157 -5.01 14.29 -31.61
CA THR A 157 -5.87 14.97 -30.65
C THR A 157 -7.29 14.45 -30.81
N VAL A 158 -7.97 14.26 -29.68
CA VAL A 158 -9.36 13.84 -29.66
C VAL A 158 -10.14 14.80 -28.78
N SER A 159 -11.29 15.25 -29.27
CA SER A 159 -12.30 15.89 -28.45
C SER A 159 -13.59 15.11 -28.61
N TRP A 160 -14.55 15.39 -27.73
CA TRP A 160 -15.82 14.70 -27.73
C TRP A 160 -16.95 15.71 -27.84
N ASN A 161 -17.91 15.39 -28.72
CA ASN A 161 -19.04 16.27 -29.01
C ASN A 161 -18.56 17.69 -29.32
N SER A 162 -17.46 17.78 -30.07
CA SER A 162 -16.90 19.04 -30.52
C SER A 162 -16.42 19.91 -29.36
N GLY A 163 -16.02 19.26 -28.27
CA GLY A 163 -15.57 19.96 -27.08
C GLY A 163 -16.67 20.28 -26.11
N ALA A 164 -17.93 20.07 -26.49
CA ALA A 164 -19.03 20.28 -25.56
C ALA A 164 -19.03 19.23 -24.46
N LEU A 165 -18.41 18.08 -24.68
CA LEU A 165 -18.35 17.01 -23.69
C LEU A 165 -16.92 16.94 -23.17
N THR A 166 -16.75 17.29 -21.90
CA THR A 166 -15.46 17.24 -21.22
C THR A 166 -15.50 16.46 -19.91
N SER A 167 -16.66 16.31 -19.28
CA SER A 167 -16.76 15.62 -18.01
C SER A 167 -16.38 14.16 -18.19
N GLY A 168 -15.38 13.71 -17.44
CA GLY A 168 -14.97 12.31 -17.49
C GLY A 168 -14.27 11.88 -18.76
N VAL A 169 -13.73 12.82 -19.53
CA VAL A 169 -12.99 12.49 -20.75
C VAL A 169 -11.53 12.26 -20.38
N HIS A 170 -10.99 11.13 -20.81
CA HIS A 170 -9.61 10.73 -20.49
C HIS A 170 -9.03 10.12 -21.75
N THR A 171 -8.08 10.80 -22.38
CA THR A 171 -7.45 10.34 -23.61
C THR A 171 -6.11 9.70 -23.26
N PHE A 172 -5.97 8.41 -23.56
CA PHE A 172 -4.82 7.66 -23.10
C PHE A 172 -3.60 7.95 -23.96
N PRO A 173 -2.41 7.99 -23.37
CA PRO A 173 -1.17 8.12 -24.15
C PRO A 173 -1.00 6.96 -25.11
N ALA A 174 -0.47 7.27 -26.28
CA ALA A 174 -0.36 6.26 -27.34
C ALA A 174 0.69 5.22 -27.01
N VAL A 175 0.45 4.01 -27.49
CA VAL A 175 1.42 2.92 -27.44
C VAL A 175 2.15 2.89 -28.77
N LEU A 176 3.42 2.51 -28.74
CA LEU A 176 4.18 2.32 -29.97
C LEU A 176 4.14 0.85 -30.36
N GLN A 177 3.53 0.56 -31.51
CA GLN A 177 3.41 -0.81 -31.97
C GLN A 177 4.73 -1.29 -32.57
N SER A 178 4.88 -2.61 -32.64
CA SER A 178 6.05 -3.21 -33.26
C SER A 178 6.05 -2.99 -34.77
N SER A 179 4.90 -2.69 -35.36
CA SER A 179 4.80 -2.34 -36.76
C SER A 179 5.26 -0.91 -37.07
N GLY A 180 5.71 -0.16 -36.07
CA GLY A 180 6.13 1.21 -36.27
C GLY A 180 5.02 2.23 -36.23
N LEU A 181 3.78 1.82 -36.03
CA LEU A 181 2.63 2.71 -36.01
C LEU A 181 2.12 2.89 -34.58
N TYR A 182 1.41 3.99 -34.36
CA TYR A 182 0.88 4.32 -33.04
C TYR A 182 -0.59 3.92 -32.93
N SER A 183 -1.00 3.64 -31.70
CA SER A 183 -2.41 3.44 -31.37
C SER A 183 -2.69 4.06 -30.02
N LEU A 184 -3.82 4.73 -29.89
CA LEU A 184 -4.26 5.24 -28.61
C LEU A 184 -5.78 5.13 -28.52
N SER A 185 -6.30 5.33 -27.33
CA SER A 185 -7.73 5.33 -27.10
C SER A 185 -8.12 6.58 -26.32
N SER A 186 -9.32 7.07 -26.59
CA SER A 186 -9.93 8.13 -25.81
C SER A 186 -11.25 7.59 -25.29
N VAL A 187 -11.40 7.58 -23.97
CA VAL A 187 -12.56 6.99 -23.33
C VAL A 187 -13.24 8.06 -22.51
N VAL A 188 -14.56 7.97 -22.42
CA VAL A 188 -15.35 8.89 -21.62
C VAL A 188 -16.27 8.07 -20.72
N THR A 189 -16.49 8.57 -19.51
CA THR A 189 -17.34 7.91 -18.54
C THR A 189 -18.53 8.84 -18.32
N VAL A 190 -19.72 8.27 -18.36
CA VAL A 190 -20.93 9.09 -18.38
C VAL A 190 -21.99 8.39 -17.55
N PRO A 191 -23.06 9.09 -17.18
CA PRO A 191 -24.17 8.40 -16.51
C PRO A 191 -24.78 7.40 -17.47
N SER A 192 -24.94 6.17 -16.97
CA SER A 192 -25.43 5.08 -17.80
C SER A 192 -26.87 5.31 -18.27
N SER A 193 -27.64 6.12 -17.54
CA SER A 193 -29.03 6.37 -17.91
C SER A 193 -29.14 7.01 -19.31
N SER A 194 -28.21 7.89 -19.67
CA SER A 194 -28.31 8.72 -20.86
C SER A 194 -27.99 8.01 -22.18
N LEU A 195 -27.73 6.70 -22.18
CA LEU A 195 -27.33 6.05 -23.42
C LEU A 195 -28.43 6.07 -24.49
N GLY A 196 -29.69 5.98 -24.08
CA GLY A 196 -30.78 6.01 -25.04
C GLY A 196 -31.05 7.38 -25.63
N THR A 197 -30.55 8.44 -24.98
CA THR A 197 -30.88 9.80 -25.40
C THR A 197 -29.70 10.63 -25.89
N GLN A 198 -28.47 10.31 -25.52
CA GLN A 198 -27.32 11.16 -25.83
C GLN A 198 -26.49 10.60 -26.98
N THR A 199 -26.04 11.50 -27.86
CA THR A 199 -25.19 11.18 -28.99
C THR A 199 -23.74 11.49 -28.62
N TYR A 200 -22.86 10.49 -28.73
CA TYR A 200 -21.45 10.63 -28.40
C TYR A 200 -20.64 10.45 -29.67
N ILE A 201 -20.00 11.53 -30.13
CA ILE A 201 -19.18 11.53 -31.34
C ILE A 201 -17.79 12.01 -30.98
N CYS A 202 -16.79 11.18 -31.26
CA CYS A 202 -15.40 11.53 -30.98
C CYS A 202 -14.76 12.08 -32.25
N ASN A 203 -14.17 13.27 -32.14
CA ASN A 203 -13.56 13.95 -33.29
C ASN A 203 -12.04 13.74 -33.22
N VAL A 204 -11.54 12.87 -34.07
CA VAL A 204 -10.11 12.56 -34.12
C VAL A 204 -9.44 13.48 -35.11
N ASN A 205 -8.28 14.02 -34.71
CA ASN A 205 -7.53 14.96 -35.54
C ASN A 205 -6.07 14.50 -35.58
N HIS A 206 -5.56 14.31 -36.79
CA HIS A 206 -4.17 13.87 -37.01
C HIS A 206 -3.52 14.85 -37.99
N LYS A 207 -3.02 15.96 -37.45
CA LYS A 207 -2.45 16.99 -38.31
C LYS A 207 -1.27 16.53 -39.16
N PRO A 208 -0.37 15.64 -38.72
CA PRO A 208 0.72 15.22 -39.62
C PRO A 208 0.26 14.65 -40.94
N SER A 209 -0.91 14.01 -41.00
CA SER A 209 -1.46 13.52 -42.26
C SER A 209 -2.68 14.30 -42.73
N ASN A 210 -3.07 15.35 -41.99
CA ASN A 210 -4.22 16.18 -42.33
C ASN A 210 -5.49 15.34 -42.48
N THR A 211 -5.68 14.41 -41.56
CA THR A 211 -6.85 13.55 -41.53
C THR A 211 -7.72 13.93 -40.34
N LYS A 212 -9.03 14.05 -40.59
CA LYS A 212 -10.02 14.22 -39.55
C LYS A 212 -11.07 13.12 -39.71
N VAL A 213 -11.40 12.46 -38.60
CA VAL A 213 -12.36 11.38 -38.59
C VAL A 213 -13.33 11.63 -37.45
N ASP A 214 -14.63 11.54 -37.74
CA ASP A 214 -15.67 11.63 -36.73
C ASP A 214 -16.42 10.31 -36.72
N LYS A 215 -16.41 9.65 -35.57
CA LYS A 215 -17.05 8.37 -35.42
C LYS A 215 -18.07 8.48 -34.31
N LYS A 216 -19.29 8.00 -34.57
CA LYS A 216 -20.31 8.00 -33.55
C LYS A 216 -20.30 6.66 -32.85
N VAL A 217 -20.40 6.70 -31.52
CA VAL A 217 -20.29 5.52 -30.67
C VAL A 217 -21.69 5.15 -30.21
N GLU A 218 -22.19 4.02 -30.68
CA GLU A 218 -23.51 3.58 -30.30
C GLU A 218 -23.44 2.35 -29.37
N PRO A 219 -24.49 2.10 -28.62
CA PRO A 219 -24.55 0.92 -27.76
C PRO A 219 -24.81 -0.33 -28.59
N LYS A 220 -24.77 -1.47 -27.91
CA LYS A 220 -25.03 -2.76 -28.56
C LYS A 220 -26.11 -3.54 -27.81
N GLN B 1 33.41 -4.08 -17.56
CA GLN B 1 34.20 -4.56 -16.43
C GLN B 1 33.31 -4.92 -15.24
N PHE B 2 32.57 -3.95 -14.73
CA PHE B 2 31.62 -4.20 -13.65
C PHE B 2 30.24 -3.70 -14.05
N VAL B 3 29.26 -3.88 -13.17
CA VAL B 3 27.87 -3.54 -13.43
C VAL B 3 27.31 -2.93 -12.15
N LEU B 4 26.78 -1.72 -12.24
CA LEU B 4 26.17 -1.05 -11.10
C LEU B 4 24.71 -1.42 -11.03
N SER B 5 24.28 -1.92 -9.87
CA SER B 5 22.94 -2.47 -9.69
C SER B 5 22.18 -1.63 -8.69
N GLN B 6 21.05 -1.09 -9.10
CA GLN B 6 20.15 -0.34 -8.25
C GLN B 6 18.80 -1.05 -8.16
N PRO B 7 18.04 -0.80 -7.10
CA PRO B 7 16.65 -1.29 -7.08
C PRO B 7 15.83 -0.61 -8.15
N ASN B 8 14.76 -1.28 -8.56
CA ASN B 8 13.93 -0.74 -9.64
C ASN B 8 13.11 0.45 -9.17
N SER B 9 12.41 0.31 -8.04
CA SER B 9 11.57 1.37 -7.54
C SER B 9 11.44 1.27 -6.03
N VAL B 10 11.58 2.41 -5.36
CA VAL B 10 11.40 2.51 -3.91
C VAL B 10 10.45 3.67 -3.66
N SER B 11 9.71 3.58 -2.55
CA SER B 11 8.70 4.58 -2.24
C SER B 11 8.74 4.91 -0.76
N THR B 12 8.56 6.20 -0.45
CA THR B 12 8.59 6.71 0.92
C THR B 12 7.51 7.78 1.04
N ASN B 13 7.57 8.55 2.12
CA ASN B 13 6.60 9.60 2.38
C ASN B 13 7.30 10.93 2.61
N LEU B 14 6.49 11.99 2.72
CA LEU B 14 7.03 13.32 2.90
C LEU B 14 7.79 13.42 4.22
N GLY B 15 8.81 14.28 4.24
CA GLY B 15 9.59 14.50 5.45
C GLY B 15 10.45 13.33 5.91
N SER B 16 10.22 12.15 5.36
CA SER B 16 10.90 10.95 5.82
C SER B 16 12.29 10.89 5.17
N THR B 17 12.96 9.76 5.32
CA THR B 17 14.32 9.57 4.84
C THR B 17 14.41 8.28 4.05
N VAL B 18 15.18 8.32 2.96
CA VAL B 18 15.36 7.16 2.09
C VAL B 18 16.84 7.06 1.73
N LYS B 19 17.28 5.82 1.49
CA LYS B 19 18.65 5.53 1.09
C LYS B 19 18.59 4.74 -0.21
N LEU B 20 19.14 5.30 -1.28
CA LEU B 20 19.20 4.62 -2.57
C LEU B 20 20.56 3.98 -2.73
N LEU B 21 20.57 2.69 -3.03
CA LEU B 21 21.82 1.93 -3.10
C LEU B 21 22.21 1.67 -4.55
N CYS B 22 23.50 1.36 -4.73
CA CYS B 22 24.14 1.17 -6.02
C CYS B 22 25.27 0.16 -5.82
N LYS B 23 24.92 -1.12 -5.69
CA LYS B 23 25.94 -2.12 -5.49
C LYS B 23 26.76 -2.28 -6.76
N ARG B 24 28.00 -2.73 -6.58
CA ARG B 24 28.92 -2.97 -7.68
C ARG B 24 29.14 -4.47 -7.81
N SER B 25 29.13 -4.96 -9.05
CA SER B 25 29.16 -6.41 -9.26
C SER B 25 30.52 -7.00 -8.90
N THR B 26 31.60 -6.41 -9.38
CA THR B 26 32.94 -6.90 -9.11
C THR B 26 33.86 -5.71 -8.84
N GLY B 27 34.86 -5.95 -8.01
CA GLY B 27 35.79 -4.91 -7.60
C GLY B 27 35.24 -4.13 -6.43
N ASN B 28 36.00 -3.11 -6.02
CA ASN B 28 35.63 -2.31 -4.86
C ASN B 28 35.03 -0.99 -5.29
N ILE B 29 33.87 -0.68 -4.70
CA ILE B 29 33.17 0.58 -4.97
C ILE B 29 34.04 1.79 -4.74
N GLY B 30 35.01 1.68 -3.83
CA GLY B 30 35.93 2.76 -3.55
C GLY B 30 37.09 2.91 -4.51
N SER B 31 37.20 2.04 -5.51
CA SER B 31 38.28 2.14 -6.46
C SER B 31 38.15 3.38 -7.33
N ASN B 32 36.93 3.69 -7.79
CA ASN B 32 36.70 4.81 -8.69
C ASN B 32 35.59 5.69 -8.13
N TYR B 33 35.52 6.91 -8.66
CA TYR B 33 34.54 7.89 -8.17
C TYR B 33 33.13 7.47 -8.55
N VAL B 34 32.18 7.77 -7.67
CA VAL B 34 30.77 7.48 -7.86
C VAL B 34 30.03 8.80 -8.03
N SER B 35 29.02 8.80 -8.91
CA SER B 35 28.29 10.01 -9.24
C SER B 35 26.80 9.71 -9.26
N TRP B 36 25.98 10.68 -8.83
CA TRP B 36 24.55 10.50 -8.76
C TRP B 36 23.86 11.61 -9.56
N TYR B 37 22.87 11.24 -10.36
CA TYR B 37 22.15 12.16 -11.22
C TYR B 37 20.65 11.97 -11.04
N GLN B 38 19.93 13.08 -10.93
CA GLN B 38 18.47 13.07 -10.83
C GLN B 38 17.89 13.35 -12.21
N HIS B 39 16.83 12.60 -12.56
CA HIS B 39 16.21 12.68 -13.87
C HIS B 39 14.71 12.79 -13.73
N HIS B 40 14.13 13.83 -14.33
CA HIS B 40 12.69 14.02 -14.42
C HIS B 40 12.22 13.74 -15.84
N GLU B 41 10.97 13.33 -15.98
CA GLU B 41 10.40 13.04 -17.28
C GLU B 41 10.32 14.31 -18.12
N GLY B 42 10.75 14.23 -19.37
CA GLY B 42 10.76 15.41 -20.22
C GLY B 42 11.70 16.50 -19.74
N ARG B 43 12.76 16.13 -19.04
CA ARG B 43 13.65 17.09 -18.43
C ARG B 43 15.08 16.61 -18.53
N SER B 44 16.00 17.56 -18.67
CA SER B 44 17.41 17.20 -18.76
C SER B 44 17.92 16.78 -17.39
N PRO B 45 18.72 15.72 -17.31
CA PRO B 45 19.23 15.29 -16.00
C PRO B 45 20.19 16.32 -15.45
N THR B 46 20.23 16.41 -14.12
CA THR B 46 21.18 17.26 -13.42
C THR B 46 22.00 16.41 -12.46
N THR B 47 23.26 16.81 -12.29
CA THR B 47 24.13 16.08 -11.38
C THR B 47 23.75 16.42 -9.94
N MET B 48 23.58 15.38 -9.12
CA MET B 48 23.21 15.56 -7.72
C MET B 48 24.34 15.29 -6.76
N ILE B 49 25.27 14.40 -7.10
CA ILE B 49 26.38 14.02 -6.23
C ILE B 49 27.57 13.66 -7.11
N TYR B 50 28.73 14.28 -6.86
CA TYR B 50 29.95 13.96 -7.58
C TYR B 50 31.06 13.65 -6.59
N ARG B 51 32.05 12.88 -7.05
CA ARG B 51 33.18 12.45 -6.24
C ARG B 51 32.71 11.83 -4.93
N ASP B 52 31.92 10.76 -5.05
CA ASP B 52 31.48 9.94 -3.94
C ASP B 52 30.53 10.67 -3.00
N ASP B 53 30.88 11.89 -2.57
CA ASP B 53 30.06 12.57 -1.57
C ASP B 53 30.20 14.09 -1.64
N GLN B 54 30.27 14.64 -2.85
CA GLN B 54 30.31 16.08 -3.03
C GLN B 54 29.06 16.51 -3.79
N ARG B 55 28.42 17.58 -3.32
CA ARG B 55 27.24 18.06 -4.01
C ARG B 55 27.51 19.45 -4.58
N PRO B 56 27.17 19.70 -5.83
CA PRO B 56 27.43 21.01 -6.42
C PRO B 56 26.58 22.09 -5.76
N ASP B 57 26.89 23.33 -6.14
CA ASP B 57 26.14 24.46 -5.61
C ASP B 57 24.71 24.39 -6.11
N GLY B 58 23.77 24.77 -5.25
CA GLY B 58 22.37 24.77 -5.58
C GLY B 58 21.66 23.48 -5.22
N VAL B 59 22.35 22.34 -5.32
CA VAL B 59 21.70 21.09 -4.90
C VAL B 59 21.33 21.21 -3.43
N PRO B 60 20.14 20.80 -3.02
CA PRO B 60 19.75 21.02 -1.62
C PRO B 60 20.58 20.17 -0.68
N ASP B 61 20.62 20.63 0.57
CA ASP B 61 21.39 19.96 1.60
C ASP B 61 20.83 18.58 1.93
N ARG B 62 19.56 18.35 1.63
CA ARG B 62 18.95 17.06 1.93
C ARG B 62 19.71 15.93 1.26
N PHE B 63 20.20 16.16 0.05
CA PHE B 63 20.88 15.13 -0.72
C PHE B 63 22.32 14.96 -0.24
N SER B 64 22.72 13.70 -0.10
CA SER B 64 24.05 13.38 0.38
C SER B 64 24.47 12.04 -0.21
N GLY B 65 25.77 11.89 -0.42
CA GLY B 65 26.33 10.68 -0.97
C GLY B 65 27.22 10.00 0.06
N SER B 66 27.35 8.69 -0.07
CA SER B 66 28.17 7.92 0.86
C SER B 66 28.68 6.67 0.17
N ILE B 67 29.54 5.94 0.88
CA ILE B 67 30.10 4.68 0.41
C ILE B 67 30.06 3.66 1.55
N ASP B 68 29.61 2.44 1.23
CA ASP B 68 29.58 1.33 2.19
C ASP B 68 30.31 0.15 1.57
N ARG B 69 31.53 -0.10 2.01
CA ARG B 69 32.34 -1.18 1.47
C ARG B 69 31.92 -2.54 2.00
N SER B 70 31.16 -2.57 3.11
CA SER B 70 30.68 -3.85 3.63
C SER B 70 29.77 -4.53 2.61
N SER B 71 29.01 -3.76 1.85
CA SER B 71 28.20 -4.29 0.76
C SER B 71 28.75 -3.90 -0.61
N ASN B 72 29.94 -3.29 -0.66
CA ASN B 72 30.57 -2.85 -1.90
C ASN B 72 29.64 -1.93 -2.69
N SER B 73 28.80 -1.18 -2.00
CA SER B 73 27.79 -0.35 -2.63
C SER B 73 27.96 1.10 -2.20
N ALA B 74 27.27 1.99 -2.91
CA ALA B 74 27.17 3.39 -2.58
C ALA B 74 25.72 3.74 -2.28
N LEU B 75 25.53 4.84 -1.57
CA LEU B 75 24.20 5.25 -1.15
C LEU B 75 23.97 6.73 -1.45
N LEU B 76 22.80 7.04 -1.98
CA LEU B 76 22.30 8.40 -2.10
C LEU B 76 21.20 8.56 -1.06
N THR B 77 21.38 9.53 -0.16
CA THR B 77 20.48 9.71 0.98
C THR B 77 19.69 10.99 0.82
N ILE B 78 18.38 10.91 1.04
CA ILE B 78 17.47 12.02 0.91
C ILE B 78 16.72 12.17 2.22
N ASP B 79 17.06 13.20 3.00
CA ASP B 79 16.31 13.51 4.21
C ASP B 79 15.18 14.48 3.88
N ASN B 80 14.12 14.43 4.70
CA ASN B 80 12.99 15.35 4.59
C ASN B 80 12.47 15.41 3.15
N VAL B 81 12.08 14.24 2.65
CA VAL B 81 11.72 14.10 1.25
C VAL B 81 10.56 15.04 0.91
N GLN B 82 10.63 15.65 -0.27
CA GLN B 82 9.60 16.52 -0.80
C GLN B 82 8.91 15.85 -1.97
N THR B 83 7.73 16.38 -2.33
CA THR B 83 7.03 15.88 -3.49
C THR B 83 7.88 16.02 -4.76
N GLU B 84 8.59 17.15 -4.87
CA GLU B 84 9.50 17.37 -6.00
C GLU B 84 10.59 16.32 -6.09
N ASP B 85 10.89 15.61 -5.00
CA ASP B 85 11.94 14.60 -5.04
C ASP B 85 11.52 13.31 -5.74
N GLU B 86 10.24 13.18 -6.07
CA GLU B 86 9.78 12.03 -6.84
C GLU B 86 10.39 12.11 -8.24
N ALA B 87 11.37 11.26 -8.51
CA ALA B 87 12.12 11.31 -9.76
C ALA B 87 12.89 10.00 -9.91
N ALA B 88 13.82 9.98 -10.87
CA ALA B 88 14.67 8.83 -11.13
C ALA B 88 16.12 9.22 -10.86
N TYR B 89 16.87 8.32 -10.22
CA TYR B 89 18.23 8.59 -9.81
C TYR B 89 19.18 7.53 -10.34
N PHE B 90 20.24 7.97 -11.02
CA PHE B 90 21.21 7.09 -11.66
C PHE B 90 22.58 7.27 -11.00
N CYS B 91 23.18 6.17 -10.60
CA CYS B 91 24.57 6.18 -10.17
C CYS B 91 25.49 5.91 -11.37
N HIS B 92 26.72 6.40 -11.26
CA HIS B 92 27.66 6.36 -12.38
C HIS B 92 29.07 6.14 -11.85
N SER B 93 29.87 5.42 -12.63
CA SER B 93 31.28 5.22 -12.31
C SER B 93 32.03 4.94 -13.60
N TYR B 94 33.33 5.24 -13.59
CA TYR B 94 34.20 5.09 -14.75
C TYR B 94 35.33 4.14 -14.44
N SER B 95 35.71 3.33 -15.42
CA SER B 95 36.86 2.43 -15.28
C SER B 95 37.33 2.00 -16.65
N THR B 96 38.59 2.32 -16.96
CA THR B 96 39.25 1.92 -18.21
C THR B 96 38.40 2.28 -19.43
N GLY B 97 38.20 3.57 -19.62
CA GLY B 97 37.51 4.07 -20.80
C GLY B 97 36.13 3.47 -20.97
N MET B 98 35.40 3.32 -19.88
CA MET B 98 34.02 2.90 -19.94
C MET B 98 33.25 3.61 -18.85
N TYR B 99 32.06 4.06 -19.19
CA TYR B 99 31.22 4.81 -18.27
C TYR B 99 30.07 3.88 -17.93
N ILE B 100 30.02 3.44 -16.68
CA ILE B 100 29.04 2.47 -16.24
C ILE B 100 27.92 3.22 -15.54
N PHE B 101 26.71 3.09 -16.06
CA PHE B 101 25.52 3.64 -15.43
C PHE B 101 24.73 2.53 -14.76
N GLY B 102 24.04 2.88 -13.70
CA GLY B 102 23.13 1.95 -13.07
C GLY B 102 21.80 1.92 -13.78
N GLY B 103 20.98 0.93 -13.41
CA GLY B 103 19.67 0.84 -14.01
C GLY B 103 18.75 1.97 -13.61
N GLY B 104 19.09 2.68 -12.53
CA GLY B 104 18.25 3.75 -12.03
C GLY B 104 17.14 3.24 -11.13
N THR B 105 16.74 4.05 -10.16
CA THR B 105 15.68 3.70 -9.22
C THR B 105 14.62 4.79 -9.25
N LYS B 106 13.41 4.43 -9.64
CA LYS B 106 12.32 5.40 -9.69
C LYS B 106 11.82 5.64 -8.29
N LEU B 107 12.14 6.81 -7.73
CA LEU B 107 11.70 7.17 -6.39
C LEU B 107 10.26 7.66 -6.45
N THR B 108 9.39 7.02 -5.70
CA THR B 108 7.99 7.43 -5.58
C THR B 108 7.78 8.12 -4.24
N VAL B 109 7.18 9.31 -4.28
CA VAL B 109 6.87 10.06 -3.07
C VAL B 109 5.38 9.85 -2.83
N LEU B 110 5.06 8.99 -1.88
CA LEU B 110 3.67 8.59 -1.63
C LEU B 110 2.92 9.77 -1.01
N GLY B 111 2.11 10.44 -1.82
CA GLY B 111 1.34 11.59 -1.37
C GLY B 111 -0.15 11.37 -1.23
N GLN B 112 -0.63 10.13 -1.31
CA GLN B 112 -2.06 9.85 -1.22
C GLN B 112 -2.23 8.38 -0.88
N PRO B 113 -3.42 7.95 -0.49
CA PRO B 113 -3.62 6.54 -0.13
C PRO B 113 -3.44 5.66 -1.34
N LYS B 114 -3.27 4.38 -1.08
CA LYS B 114 -3.13 3.44 -2.18
C LYS B 114 -4.49 3.20 -2.82
N ALA B 115 -4.48 3.00 -4.13
CA ALA B 115 -5.70 2.85 -4.89
C ALA B 115 -5.61 1.61 -5.76
N ALA B 116 -6.71 0.89 -5.84
CA ALA B 116 -6.76 -0.26 -6.71
C ALA B 116 -7.11 0.18 -8.13
N PRO B 117 -6.63 -0.54 -9.14
CA PRO B 117 -6.89 -0.11 -10.52
C PRO B 117 -8.35 -0.31 -10.88
N SER B 118 -8.88 0.62 -11.67
CA SER B 118 -10.14 0.42 -12.36
C SER B 118 -9.84 -0.19 -13.72
N VAL B 119 -10.49 -1.31 -14.04
CA VAL B 119 -10.15 -2.10 -15.21
C VAL B 119 -11.40 -2.27 -16.05
N THR B 120 -11.34 -1.81 -17.30
CA THR B 120 -12.43 -1.95 -18.26
C THR B 120 -11.88 -2.60 -19.54
N LEU B 121 -12.58 -3.62 -20.03
CA LEU B 121 -12.13 -4.41 -21.17
C LEU B 121 -13.14 -4.30 -22.30
N PHE B 122 -12.68 -3.85 -23.48
CA PHE B 122 -13.46 -3.69 -24.70
C PHE B 122 -13.15 -4.80 -25.70
N PRO B 123 -14.17 -5.40 -26.30
CA PRO B 123 -13.93 -6.38 -27.37
C PRO B 123 -13.70 -5.65 -28.69
N PRO B 124 -13.29 -6.37 -29.75
CA PRO B 124 -13.18 -5.72 -31.05
C PRO B 124 -14.53 -5.20 -31.51
N SER B 125 -14.52 -4.04 -32.15
CA SER B 125 -15.76 -3.49 -32.65
C SER B 125 -16.21 -4.29 -33.87
N SER B 126 -17.53 -4.33 -34.08
CA SER B 126 -18.06 -5.05 -35.23
C SER B 126 -17.49 -4.49 -36.52
N GLU B 127 -17.34 -3.16 -36.57
CA GLU B 127 -16.78 -2.50 -37.74
C GLU B 127 -15.34 -2.93 -37.96
N GLU B 128 -14.55 -3.07 -36.89
CA GLU B 128 -13.18 -3.50 -37.04
C GLU B 128 -13.11 -4.94 -37.54
N LEU B 129 -14.02 -5.79 -37.07
CA LEU B 129 -14.01 -7.19 -37.49
C LEU B 129 -14.26 -7.32 -38.98
N GLN B 130 -15.11 -6.46 -39.54
CA GLN B 130 -15.40 -6.51 -40.97
C GLN B 130 -14.22 -6.04 -41.81
N ALA B 131 -13.32 -5.26 -41.23
CA ALA B 131 -12.10 -4.84 -41.91
C ALA B 131 -10.98 -5.86 -41.78
N ASN B 132 -11.29 -7.07 -41.29
CA ASN B 132 -10.34 -8.18 -41.18
C ASN B 132 -9.27 -7.91 -40.14
N LYS B 133 -9.64 -7.20 -39.07
CA LYS B 133 -8.73 -6.86 -37.98
C LYS B 133 -9.48 -7.02 -36.67
N ALA B 134 -8.74 -7.17 -35.58
CA ALA B 134 -9.39 -7.37 -34.28
C ALA B 134 -8.45 -6.95 -33.17
N THR B 135 -8.92 -6.06 -32.29
CA THR B 135 -8.11 -5.55 -31.19
C THR B 135 -8.90 -5.52 -29.90
N LEU B 136 -8.34 -6.11 -28.85
CA LEU B 136 -8.86 -5.99 -27.50
C LEU B 136 -8.21 -4.80 -26.80
N VAL B 137 -9.02 -4.04 -26.05
CA VAL B 137 -8.57 -2.82 -25.41
C VAL B 137 -8.85 -2.93 -23.91
N CYS B 138 -7.79 -2.91 -23.11
CA CYS B 138 -7.87 -3.01 -21.65
C CYS B 138 -7.40 -1.70 -21.05
N LEU B 139 -8.33 -0.94 -20.47
CA LEU B 139 -8.03 0.37 -19.92
C LEU B 139 -7.91 0.29 -18.40
N ILE B 140 -6.79 0.77 -17.87
CA ILE B 140 -6.46 0.68 -16.46
C ILE B 140 -6.31 2.10 -15.93
N SER B 141 -7.12 2.46 -14.94
CA SER B 141 -7.14 3.83 -14.46
C SER B 141 -7.30 3.85 -12.94
N ASP B 142 -6.89 4.98 -12.35
CA ASP B 142 -7.18 5.30 -10.95
C ASP B 142 -6.43 4.39 -9.98
N PHE B 143 -5.18 4.06 -10.30
CA PHE B 143 -4.33 3.33 -9.37
C PHE B 143 -3.16 4.19 -8.90
N TYR B 144 -2.71 3.92 -7.67
CA TYR B 144 -1.57 4.54 -7.03
C TYR B 144 -0.96 3.49 -6.12
N PRO B 145 0.37 3.31 -6.12
CA PRO B 145 1.37 3.95 -6.99
C PRO B 145 1.25 3.49 -8.44
N GLY B 146 1.90 4.22 -9.35
CA GLY B 146 1.79 3.93 -10.78
C GLY B 146 2.71 2.89 -11.36
N ALA B 147 2.56 1.63 -10.93
CA ALA B 147 3.32 0.53 -11.52
C ALA B 147 2.44 -0.70 -11.51
N VAL B 148 2.04 -1.17 -12.69
CA VAL B 148 1.25 -2.37 -12.84
C VAL B 148 1.87 -3.25 -13.91
N THR B 149 1.54 -4.53 -13.86
CA THR B 149 1.87 -5.47 -14.92
C THR B 149 0.57 -6.08 -15.45
N VAL B 150 0.57 -6.37 -16.74
CA VAL B 150 -0.62 -6.86 -17.44
C VAL B 150 -0.31 -8.20 -18.05
N ALA B 151 -1.21 -9.16 -17.86
CA ALA B 151 -1.12 -10.46 -18.52
C ALA B 151 -2.46 -10.75 -19.17
N TRP B 152 -2.41 -11.25 -20.40
CA TRP B 152 -3.59 -11.58 -21.17
C TRP B 152 -3.72 -13.10 -21.23
N LYS B 153 -4.95 -13.58 -21.30
CA LYS B 153 -5.20 -15.01 -21.45
C LYS B 153 -6.24 -15.25 -22.53
N ALA B 154 -5.97 -16.25 -23.35
CA ALA B 154 -6.89 -16.70 -24.39
C ALA B 154 -7.53 -17.99 -23.88
N ASP B 155 -8.84 -17.97 -23.67
CA ASP B 155 -9.48 -19.00 -22.89
C ASP B 155 -8.86 -18.96 -21.51
N SER B 156 -8.08 -19.99 -21.17
CA SER B 156 -7.33 -20.00 -19.92
C SER B 156 -5.82 -19.98 -20.11
N SER B 157 -5.33 -19.92 -21.35
CA SER B 157 -3.90 -20.09 -21.60
C SER B 157 -3.20 -18.76 -21.83
N PRO B 158 -1.96 -18.64 -21.35
CA PRO B 158 -1.24 -17.36 -21.48
C PRO B 158 -1.00 -17.01 -22.94
N VAL B 159 -1.08 -15.71 -23.22
CA VAL B 159 -0.84 -15.18 -24.56
C VAL B 159 0.59 -14.63 -24.61
N LYS B 160 1.37 -15.11 -25.57
CA LYS B 160 2.78 -14.74 -25.66
C LYS B 160 3.09 -13.83 -26.85
N ALA B 161 2.09 -13.44 -27.63
CA ALA B 161 2.33 -12.60 -28.79
C ALA B 161 1.19 -11.61 -28.98
N GLY B 162 1.50 -10.46 -29.56
CA GLY B 162 0.50 -9.47 -29.88
C GLY B 162 0.11 -8.52 -28.77
N VAL B 163 0.84 -8.50 -27.66
CA VAL B 163 0.51 -7.65 -26.52
C VAL B 163 1.39 -6.40 -26.57
N GLU B 164 0.75 -5.24 -26.43
CA GLU B 164 1.44 -3.95 -26.32
C GLU B 164 0.79 -3.20 -25.18
N THR B 165 1.61 -2.79 -24.22
CA THR B 165 1.13 -2.11 -23.01
C THR B 165 1.88 -0.80 -22.85
N THR B 166 1.16 0.25 -22.51
CA THR B 166 1.80 1.54 -22.34
C THR B 166 2.49 1.59 -20.98
N THR B 167 3.53 2.41 -20.90
CA THR B 167 4.07 2.74 -19.59
C THR B 167 3.00 3.48 -18.80
N PRO B 168 2.88 3.25 -17.49
CA PRO B 168 1.91 4.00 -16.70
C PRO B 168 2.16 5.49 -16.86
N SER B 169 1.09 6.27 -16.90
CA SER B 169 1.19 7.69 -17.14
C SER B 169 0.44 8.41 -16.02
N LYS B 170 1.00 9.53 -15.57
CA LYS B 170 0.43 10.23 -14.43
C LYS B 170 -0.85 10.92 -14.87
N GLN B 171 -1.95 10.64 -14.17
CA GLN B 171 -3.22 11.25 -14.49
C GLN B 171 -3.30 12.65 -13.90
N SER B 172 -4.46 13.29 -14.14
CA SER B 172 -4.67 14.65 -13.64
C SER B 172 -4.70 14.67 -12.12
N ASN B 173 -5.35 13.69 -11.48
CA ASN B 173 -5.50 13.69 -10.04
C ASN B 173 -4.31 13.05 -9.32
N ASN B 174 -3.16 12.97 -10.00
CA ASN B 174 -1.87 12.46 -9.54
C ASN B 174 -1.86 10.94 -9.41
N LYS B 175 -2.98 10.26 -9.65
CA LYS B 175 -2.98 8.82 -9.83
C LYS B 175 -2.42 8.49 -11.21
N TYR B 176 -2.29 7.20 -11.50
CA TYR B 176 -1.66 6.78 -12.74
C TYR B 176 -2.65 5.96 -13.56
N ALA B 177 -2.42 5.91 -14.88
CA ALA B 177 -3.24 5.15 -15.80
C ALA B 177 -2.36 4.48 -16.83
N ALA B 178 -2.83 3.36 -17.36
CA ALA B 178 -2.15 2.65 -18.43
C ALA B 178 -3.20 1.95 -19.27
N SER B 179 -2.77 1.47 -20.44
CA SER B 179 -3.64 0.78 -21.38
C SER B 179 -2.89 -0.36 -22.04
N SER B 180 -3.62 -1.39 -22.43
CA SER B 180 -3.04 -2.58 -23.05
C SER B 180 -3.88 -3.00 -24.25
N TYR B 181 -3.19 -3.45 -25.30
CA TYR B 181 -3.84 -3.84 -26.55
C TYR B 181 -3.40 -5.25 -26.94
N LEU B 182 -4.36 -6.06 -27.34
CA LEU B 182 -4.10 -7.39 -27.88
C LEU B 182 -4.58 -7.41 -29.33
N SER B 183 -3.70 -7.76 -30.25
CA SER B 183 -4.04 -7.87 -31.66
C SER B 183 -4.35 -9.32 -32.00
N LEU B 184 -5.46 -9.53 -32.71
CA LEU B 184 -5.88 -10.87 -33.11
C LEU B 184 -6.37 -10.83 -34.54
N THR B 185 -6.46 -12.01 -35.14
CA THR B 185 -7.28 -12.10 -36.33
C THR B 185 -8.73 -12.31 -35.90
N PRO B 186 -9.69 -11.88 -36.72
CA PRO B 186 -11.10 -12.14 -36.37
C PRO B 186 -11.40 -13.61 -36.13
N GLU B 187 -10.71 -14.50 -36.83
CA GLU B 187 -10.91 -15.94 -36.60
C GLU B 187 -10.35 -16.35 -35.24
N GLN B 188 -9.23 -15.77 -34.83
CA GLN B 188 -8.71 -16.03 -33.49
C GLN B 188 -9.73 -15.66 -32.42
N TRP B 189 -10.28 -14.46 -32.53
CA TRP B 189 -11.24 -13.93 -31.55
C TRP B 189 -12.46 -14.83 -31.45
N LYS B 190 -13.07 -15.16 -32.60
CA LYS B 190 -14.27 -15.99 -32.59
C LYS B 190 -14.02 -17.44 -32.18
N SER B 191 -12.78 -17.92 -32.28
CA SER B 191 -12.53 -19.33 -32.02
C SER B 191 -12.48 -19.66 -30.54
N HIS B 192 -12.07 -18.72 -29.69
CA HIS B 192 -11.98 -18.93 -28.26
C HIS B 192 -13.25 -18.53 -27.54
N ARG B 193 -13.50 -19.14 -26.38
CA ARG B 193 -14.68 -18.81 -25.60
C ARG B 193 -14.56 -17.41 -25.02
N SER B 194 -13.36 -17.03 -24.56
CA SER B 194 -13.21 -15.75 -23.87
C SER B 194 -11.76 -15.29 -23.95
N TYR B 195 -11.59 -13.99 -23.72
CA TYR B 195 -10.29 -13.39 -23.46
C TYR B 195 -10.38 -12.54 -22.20
N SER B 196 -9.28 -12.52 -21.45
CA SER B 196 -9.27 -11.86 -20.15
C SER B 196 -8.00 -11.04 -19.97
N CYS B 197 -8.13 -9.91 -19.31
CA CYS B 197 -7.03 -8.99 -19.02
C CYS B 197 -6.79 -8.96 -17.52
N GLN B 198 -5.59 -9.34 -17.09
CA GLN B 198 -5.24 -9.38 -15.67
C GLN B 198 -4.25 -8.25 -15.38
N VAL B 199 -4.60 -7.40 -14.42
CA VAL B 199 -3.78 -6.28 -14.00
C VAL B 199 -3.32 -6.53 -12.58
N THR B 200 -2.01 -6.62 -12.38
CA THR B 200 -1.42 -6.83 -11.07
C THR B 200 -0.96 -5.48 -10.53
N HIS B 201 -1.45 -5.12 -9.34
CA HIS B 201 -1.14 -3.83 -8.72
C HIS B 201 -0.86 -4.06 -7.25
N GLU B 202 0.39 -3.80 -6.84
CA GLU B 202 0.84 -4.07 -5.49
C GLU B 202 0.53 -5.52 -5.11
N GLY B 203 0.89 -6.43 -6.00
CA GLY B 203 0.74 -7.86 -5.76
C GLY B 203 -0.68 -8.34 -5.60
N SER B 204 -1.66 -7.59 -6.08
CA SER B 204 -3.05 -8.02 -6.06
C SER B 204 -3.64 -7.73 -7.42
N THR B 205 -4.31 -8.72 -8.00
CA THR B 205 -4.70 -8.66 -9.39
C THR B 205 -6.19 -8.45 -9.53
N VAL B 206 -6.56 -7.65 -10.52
CA VAL B 206 -7.94 -7.42 -10.91
C VAL B 206 -8.07 -7.91 -12.33
N GLU B 207 -9.19 -8.56 -12.64
CA GLU B 207 -9.32 -9.23 -13.92
C GLU B 207 -10.71 -9.02 -14.48
N LYS B 208 -10.78 -8.79 -15.79
CA LYS B 208 -12.02 -8.62 -16.53
C LYS B 208 -11.97 -9.50 -17.77
N THR B 209 -13.14 -9.95 -18.22
CA THR B 209 -13.22 -10.84 -19.35
C THR B 209 -14.26 -10.34 -20.35
N VAL B 210 -14.04 -10.64 -21.63
CA VAL B 210 -15.00 -10.40 -22.70
C VAL B 210 -15.02 -11.64 -23.59
N ALA B 211 -16.07 -11.75 -24.38
CA ALA B 211 -16.28 -12.90 -25.25
C ALA B 211 -16.89 -12.40 -26.55
N PRO B 212 -16.71 -13.16 -27.63
CA PRO B 212 -17.23 -12.70 -28.93
C PRO B 212 -18.74 -12.50 -28.91
N THR B 213 -19.18 -11.41 -29.51
CA THR B 213 -20.58 -11.09 -29.62
C THR B 213 -21.30 -12.01 -30.61
N GLU C 1 -39.55 1.50 20.53
CA GLU C 1 -38.55 0.72 19.84
C GLU C 1 -37.96 -0.36 20.75
N VAL C 2 -37.42 -1.42 20.14
CA VAL C 2 -36.89 -2.55 20.90
C VAL C 2 -35.68 -2.08 21.70
N GLN C 3 -35.63 -2.46 22.97
CA GLN C 3 -34.50 -2.14 23.83
C GLN C 3 -34.06 -3.36 24.61
N LEU C 4 -32.78 -3.68 24.55
CA LEU C 4 -32.18 -4.77 25.32
C LEU C 4 -31.00 -4.18 26.08
N VAL C 5 -31.15 -4.03 27.40
CA VAL C 5 -30.11 -3.45 28.24
C VAL C 5 -29.61 -4.52 29.19
N GLU C 6 -28.31 -4.76 29.14
CA GLU C 6 -27.71 -5.82 29.95
C GLU C 6 -26.98 -5.23 31.14
N SER C 7 -27.05 -5.94 32.26
CA SER C 7 -26.44 -5.49 33.50
C SER C 7 -25.84 -6.70 34.20
N GLY C 8 -25.21 -6.45 35.34
CA GLY C 8 -24.48 -7.48 36.04
C GLY C 8 -23.02 -7.37 35.69
N GLY C 9 -22.32 -8.48 35.87
CA GLY C 9 -20.94 -8.50 35.43
C GLY C 9 -20.02 -7.75 36.36
N GLY C 10 -18.78 -7.59 35.89
CA GLY C 10 -17.77 -6.94 36.69
C GLY C 10 -16.51 -7.79 36.72
N LEU C 11 -15.73 -7.66 37.79
CA LEU C 11 -14.49 -8.41 37.92
C LEU C 11 -14.72 -9.58 38.87
N LEU C 12 -14.23 -10.74 38.47
CA LEU C 12 -14.47 -11.99 39.19
C LEU C 12 -13.14 -12.70 39.40
N GLN C 13 -13.19 -13.82 40.09
CA GLN C 13 -12.04 -14.66 40.35
C GLN C 13 -12.30 -16.07 39.84
N PRO C 14 -11.25 -16.84 39.57
CA PRO C 14 -11.45 -18.23 39.14
C PRO C 14 -12.24 -19.01 40.19
N GLY C 15 -13.14 -19.87 39.71
CA GLY C 15 -13.99 -20.65 40.58
C GLY C 15 -15.21 -19.92 41.11
N ARG C 16 -15.36 -18.63 40.85
CA ARG C 16 -16.50 -17.88 41.36
C ARG C 16 -17.69 -18.09 40.43
N SER C 17 -18.73 -17.28 40.58
CA SER C 17 -19.94 -17.46 39.80
C SER C 17 -20.55 -16.10 39.48
N LEU C 18 -21.47 -16.08 38.52
CA LEU C 18 -22.10 -14.85 38.09
C LEU C 18 -23.42 -15.17 37.43
N LYS C 19 -24.37 -14.24 37.53
CA LYS C 19 -25.65 -14.33 36.84
C LYS C 19 -25.86 -13.01 36.12
N LEU C 20 -25.83 -13.04 34.79
CA LEU C 20 -26.00 -11.83 33.99
C LEU C 20 -27.48 -11.55 33.78
N SER C 21 -27.80 -10.27 33.66
CA SER C 21 -29.18 -9.83 33.48
C SER C 21 -29.30 -9.07 32.18
N CYS C 22 -30.37 -9.37 31.43
CA CYS C 22 -30.73 -8.63 30.22
C CYS C 22 -32.20 -8.28 30.31
N VAL C 23 -32.49 -7.00 30.50
CA VAL C 23 -33.87 -6.51 30.54
C VAL C 23 -34.31 -6.24 29.11
N ALA C 24 -35.49 -6.76 28.75
CA ALA C 24 -36.04 -6.61 27.41
C ALA C 24 -37.25 -5.69 27.46
N SER C 25 -37.43 -4.92 26.40
CA SER C 25 -38.53 -3.97 26.34
C SER C 25 -38.75 -3.54 24.90
N GLY C 26 -39.92 -2.97 24.65
CA GLY C 26 -40.28 -2.53 23.32
C GLY C 26 -40.99 -3.57 22.49
N PHE C 27 -41.18 -4.77 23.02
CA PHE C 27 -41.84 -5.83 22.28
C PHE C 27 -42.51 -6.76 23.28
N THR C 28 -43.26 -7.74 22.75
CA THR C 28 -43.93 -8.72 23.58
C THR C 28 -42.92 -9.83 23.87
N PHE C 29 -42.46 -9.90 25.11
CA PHE C 29 -41.25 -10.66 25.44
C PHE C 29 -41.37 -12.15 25.11
N ASN C 30 -42.50 -12.78 25.47
CA ASN C 30 -42.59 -14.24 25.39
C ASN C 30 -42.67 -14.79 23.98
N ASN C 31 -42.85 -13.95 22.97
CA ASN C 31 -42.96 -14.47 21.61
C ASN C 31 -41.62 -15.01 21.10
N TYR C 32 -40.54 -14.27 21.29
CA TYR C 32 -39.26 -14.49 20.64
C TYR C 32 -38.30 -15.34 21.49
N TRP C 33 -37.36 -15.96 20.79
CA TRP C 33 -36.24 -16.68 21.37
C TRP C 33 -35.16 -15.69 21.79
N MET C 34 -34.22 -16.14 22.62
CA MET C 34 -33.15 -15.28 23.12
C MET C 34 -31.85 -16.06 23.19
N SER C 35 -30.73 -15.32 23.12
CA SER C 35 -29.42 -15.93 23.07
C SER C 35 -28.38 -15.05 23.74
N TRP C 36 -27.23 -15.65 24.07
CA TRP C 36 -26.06 -14.94 24.59
C TRP C 36 -24.88 -15.14 23.67
N ILE C 37 -24.23 -14.05 23.28
CA ILE C 37 -23.04 -14.07 22.44
C ILE C 37 -21.93 -13.34 23.16
N ARG C 38 -20.70 -13.87 23.09
CA ARG C 38 -19.55 -13.20 23.67
C ARG C 38 -18.44 -13.03 22.65
N GLN C 39 -17.60 -12.03 22.90
CA GLN C 39 -16.35 -11.81 22.17
C GLN C 39 -15.26 -11.56 23.19
N ALA C 40 -14.32 -12.49 23.30
CA ALA C 40 -13.17 -12.29 24.16
C ALA C 40 -12.25 -11.25 23.54
N PRO C 41 -11.42 -10.58 24.34
CA PRO C 41 -10.53 -9.57 23.77
C PRO C 41 -9.61 -10.17 22.72
N GLY C 42 -9.49 -9.48 21.59
CA GLY C 42 -8.70 -9.99 20.48
C GLY C 42 -9.19 -11.30 19.91
N LYS C 43 -10.50 -11.44 19.72
CA LYS C 43 -11.11 -12.67 19.22
C LYS C 43 -12.39 -12.32 18.48
N GLY C 44 -12.91 -13.30 17.74
CA GLY C 44 -14.14 -13.13 17.02
C GLY C 44 -15.34 -13.36 17.92
N LEU C 45 -16.52 -13.33 17.32
CA LEU C 45 -17.73 -13.60 18.08
C LEU C 45 -17.85 -15.08 18.35
N GLU C 46 -18.42 -15.42 19.50
CA GLU C 46 -18.63 -16.80 19.90
C GLU C 46 -20.00 -16.92 20.54
N TRP C 47 -20.74 -17.92 20.11
CA TRP C 47 -22.09 -18.17 20.59
C TRP C 47 -22.04 -19.01 21.87
N ILE C 48 -22.90 -18.66 22.83
CA ILE C 48 -22.85 -19.25 24.16
C ILE C 48 -24.12 -20.03 24.48
N ALA C 49 -25.27 -19.41 24.32
CA ALA C 49 -26.50 -20.07 24.74
C ALA C 49 -27.66 -19.56 23.91
N SER C 50 -28.69 -20.39 23.81
CA SER C 50 -29.93 -20.03 23.15
C SER C 50 -31.06 -20.73 23.88
N ILE C 51 -32.13 -19.99 24.18
CA ILE C 51 -33.27 -20.52 24.90
C ILE C 51 -34.52 -20.26 24.09
N SER C 52 -35.51 -21.15 24.24
CA SER C 52 -36.78 -20.94 23.58
C SER C 52 -37.55 -19.80 24.25
N ASN C 53 -38.63 -19.42 23.60
CA ASN C 53 -39.50 -18.35 24.11
C ASN C 53 -40.37 -18.83 25.27
N ILE C 54 -40.42 -20.13 25.50
CA ILE C 54 -41.14 -20.78 26.59
C ILE C 54 -40.18 -21.37 27.63
N GLY C 55 -38.88 -21.19 27.45
CA GLY C 55 -37.89 -21.80 28.29
C GLY C 55 -37.77 -23.30 28.11
N GLY C 56 -38.25 -23.82 27.01
CA GLY C 56 -38.33 -25.24 26.81
C GLY C 56 -37.08 -25.89 26.23
N THR C 57 -36.50 -25.26 25.21
CA THR C 57 -35.37 -25.82 24.52
C THR C 57 -34.18 -24.91 24.74
N ILE C 58 -33.02 -25.52 24.98
CA ILE C 58 -31.83 -24.79 25.39
C ILE C 58 -30.61 -25.45 24.78
N TYR C 59 -29.89 -24.69 23.96
CA TYR C 59 -28.74 -25.20 23.23
C TYR C 59 -27.46 -24.56 23.75
N TYR C 60 -26.40 -25.36 23.85
CA TYR C 60 -25.10 -24.91 24.32
C TYR C 60 -24.00 -25.45 23.41
N PRO C 61 -22.97 -24.66 23.12
CA PRO C 61 -21.75 -25.21 22.53
C PRO C 61 -20.98 -25.98 23.60
N ASP C 62 -19.98 -26.73 23.14
CA ASP C 62 -19.25 -27.62 24.03
C ASP C 62 -18.29 -26.89 24.96
N SER C 63 -17.86 -25.68 24.60
CA SER C 63 -16.87 -24.96 25.40
C SER C 63 -17.41 -24.52 26.74
N VAL C 64 -18.73 -24.39 26.88
CA VAL C 64 -19.36 -23.92 28.10
C VAL C 64 -20.35 -24.94 28.62
N LYS C 65 -20.25 -26.18 28.14
CA LYS C 65 -21.21 -27.21 28.49
C LYS C 65 -21.19 -27.47 29.99
N GLY C 66 -22.39 -27.47 30.59
CA GLY C 66 -22.55 -27.77 31.99
C GLY C 66 -22.10 -26.68 32.94
N ARG C 67 -21.49 -25.61 32.43
CA ARG C 67 -21.06 -24.50 33.27
C ARG C 67 -22.02 -23.33 33.23
N PHE C 68 -22.59 -23.03 32.06
CA PHE C 68 -23.49 -21.90 31.96
C PHE C 68 -24.92 -22.41 31.91
N THR C 69 -25.82 -21.63 32.50
CA THR C 69 -27.23 -21.97 32.56
C THR C 69 -28.02 -20.75 32.16
N ILE C 70 -28.77 -20.85 31.08
CA ILE C 70 -29.56 -19.74 30.56
C ILE C 70 -31.01 -19.97 30.95
N SER C 71 -31.67 -18.89 31.34
CA SER C 71 -33.04 -18.94 31.80
C SER C 71 -33.70 -17.62 31.46
N ARG C 72 -35.01 -17.55 31.67
CA ARG C 72 -35.71 -16.30 31.42
C ARG C 72 -36.89 -16.21 32.38
N ASP C 73 -37.23 -14.97 32.72
CA ASP C 73 -38.33 -14.70 33.64
C ASP C 73 -39.34 -13.89 32.86
N SER C 74 -40.46 -14.53 32.52
CA SER C 74 -41.48 -13.88 31.69
C SER C 74 -42.08 -12.66 32.38
N ALA C 75 -42.28 -12.75 33.70
CA ALA C 75 -42.97 -11.68 34.42
C ALA C 75 -42.19 -10.38 34.39
N GLN C 76 -40.87 -10.47 34.35
CA GLN C 76 -40.01 -9.29 34.42
C GLN C 76 -39.31 -8.98 33.10
N ASN C 77 -39.65 -9.69 32.03
CA ASN C 77 -39.12 -9.43 30.68
C ASN C 77 -37.59 -9.49 30.68
N THR C 78 -37.02 -10.46 31.39
CA THR C 78 -35.60 -10.47 31.66
C THR C 78 -34.99 -11.83 31.32
N LEU C 79 -33.83 -11.80 30.69
CA LEU C 79 -33.06 -12.98 30.33
C LEU C 79 -31.82 -13.07 31.20
N TYR C 80 -31.54 -14.27 31.72
CA TYR C 80 -30.44 -14.48 32.66
C TYR C 80 -29.46 -15.51 32.10
N LEU C 81 -28.19 -15.35 32.50
CA LEU C 81 -27.13 -16.31 32.16
C LEU C 81 -26.29 -16.55 33.41
N GLN C 82 -26.44 -17.74 34.00
CA GLN C 82 -25.70 -18.13 35.20
C GLN C 82 -24.38 -18.77 34.78
N MET C 83 -23.26 -18.09 35.08
CA MET C 83 -21.94 -18.63 34.84
C MET C 83 -21.36 -19.14 36.15
N ASN C 84 -20.99 -20.42 36.18
CA ASN C 84 -20.42 -21.06 37.35
C ASN C 84 -19.04 -21.63 37.00
N SER C 85 -18.24 -21.87 38.04
CA SER C 85 -16.91 -22.45 37.90
C SER C 85 -16.10 -21.68 36.85
N LEU C 86 -16.08 -20.36 37.01
CA LEU C 86 -15.47 -19.48 36.02
C LEU C 86 -14.00 -19.80 35.81
N ARG C 87 -13.51 -19.43 34.63
CA ARG C 87 -12.14 -19.59 34.20
C ARG C 87 -11.71 -18.28 33.57
N SER C 88 -10.41 -18.16 33.29
CA SER C 88 -9.89 -16.95 32.65
C SER C 88 -10.41 -16.79 31.22
N GLU C 89 -10.75 -17.90 30.56
CA GLU C 89 -11.28 -17.86 29.20
C GLU C 89 -12.56 -17.03 29.13
N ASP C 90 -13.40 -17.14 30.17
CA ASP C 90 -14.69 -16.47 30.18
C ASP C 90 -14.57 -14.96 30.20
N THR C 91 -13.37 -14.41 30.27
CA THR C 91 -13.20 -12.97 30.19
C THR C 91 -13.56 -12.51 28.78
N ALA C 92 -14.64 -11.73 28.66
CA ALA C 92 -15.15 -11.33 27.36
C ALA C 92 -16.19 -10.23 27.57
N THR C 93 -16.73 -9.75 26.45
CA THR C 93 -17.88 -8.84 26.44
C THR C 93 -19.08 -9.65 26.00
N TYR C 94 -20.12 -9.68 26.83
CA TYR C 94 -21.24 -10.58 26.64
C TYR C 94 -22.44 -9.81 26.10
N TYR C 95 -23.00 -10.29 24.99
CA TYR C 95 -24.08 -9.63 24.29
C TYR C 95 -25.36 -10.44 24.39
N CYS C 96 -26.48 -9.75 24.63
CA CYS C 96 -27.81 -10.33 24.71
C CYS C 96 -28.55 -10.03 23.41
N THR C 97 -29.26 -11.04 22.89
CA THR C 97 -29.87 -10.93 21.57
C THR C 97 -31.33 -11.37 21.59
N ARG C 98 -32.11 -10.78 20.69
CA ARG C 98 -33.45 -11.26 20.34
C ARG C 98 -33.35 -12.06 19.05
N ASP C 99 -33.93 -13.25 19.05
CA ASP C 99 -33.86 -14.14 17.90
C ASP C 99 -35.13 -14.10 17.07
N LEU C 100 -34.99 -14.45 15.80
CA LEU C 100 -36.11 -14.73 14.91
C LEU C 100 -35.88 -16.16 14.43
N ARG C 101 -36.50 -17.12 15.11
CA ARG C 101 -36.21 -18.53 14.81
C ARG C 101 -36.59 -18.87 13.37
N MET C 102 -37.61 -18.18 12.83
CA MET C 102 -38.09 -18.46 11.48
C MET C 102 -37.03 -18.15 10.44
N SER C 103 -36.10 -17.24 10.75
CA SER C 103 -35.10 -16.80 9.78
C SER C 103 -33.66 -17.08 10.20
N ASP C 104 -33.44 -17.70 11.35
CA ASP C 104 -32.10 -18.07 11.85
C ASP C 104 -31.14 -16.88 11.84
N TYR C 105 -31.44 -15.90 12.68
CA TYR C 105 -30.55 -14.76 12.86
C TYR C 105 -31.03 -13.91 14.03
N PHE C 106 -30.10 -13.14 14.59
CA PHE C 106 -30.37 -12.25 15.71
C PHE C 106 -30.59 -10.85 15.14
N ASP C 107 -31.82 -10.36 15.25
CA ASP C 107 -32.19 -9.09 14.64
C ASP C 107 -31.94 -7.90 15.54
N TYR C 108 -31.69 -8.11 16.83
CA TYR C 108 -31.44 -7.03 17.77
C TYR C 108 -30.39 -7.46 18.79
N TRP C 109 -29.47 -6.55 19.09
CA TRP C 109 -28.38 -6.81 20.02
C TRP C 109 -28.50 -5.89 21.22
N GLY C 110 -28.00 -6.36 22.36
CA GLY C 110 -28.00 -5.56 23.57
C GLY C 110 -26.94 -4.49 23.52
N GLN C 111 -26.71 -3.89 24.69
CA GLN C 111 -25.63 -2.90 24.80
C GLN C 111 -24.29 -3.56 25.07
N GLY C 112 -24.29 -4.74 25.68
CA GLY C 112 -23.07 -5.45 25.98
C GLY C 112 -22.59 -5.17 27.39
N THR C 113 -22.10 -6.20 28.08
CA THR C 113 -21.57 -6.05 29.43
C THR C 113 -20.28 -6.84 29.58
N MET C 114 -19.29 -6.22 30.23
CA MET C 114 -17.94 -6.75 30.35
C MET C 114 -17.80 -7.63 31.59
N VAL C 115 -17.16 -8.78 31.41
CA VAL C 115 -16.80 -9.66 32.51
C VAL C 115 -15.29 -9.89 32.47
N THR C 116 -14.62 -9.65 33.59
CA THR C 116 -13.20 -9.93 33.75
C THR C 116 -13.01 -11.00 34.82
N VAL C 117 -12.12 -11.94 34.55
CA VAL C 117 -11.86 -13.06 35.46
C VAL C 117 -10.36 -13.23 35.58
N SER C 118 -9.82 -12.89 36.75
CA SER C 118 -8.39 -13.03 36.99
C SER C 118 -8.15 -13.31 38.46
N SER C 119 -7.03 -13.97 38.75
CA SER C 119 -6.61 -14.31 40.11
C SER C 119 -5.63 -13.29 40.68
N ALA C 120 -5.61 -12.09 40.13
CA ALA C 120 -4.82 -11.00 40.70
C ALA C 120 -5.62 -10.23 41.75
N SER C 121 -4.90 -9.49 42.57
CA SER C 121 -5.50 -8.55 43.51
C SER C 121 -4.80 -7.21 43.38
N THR C 122 -5.45 -6.17 43.93
CA THR C 122 -5.03 -4.79 43.72
C THR C 122 -3.54 -4.62 43.96
N LYS C 123 -2.86 -3.95 43.02
CA LYS C 123 -1.42 -3.77 43.10
C LYS C 123 -1.02 -2.49 42.40
N GLY C 124 -0.17 -1.70 43.07
CA GLY C 124 0.37 -0.50 42.48
C GLY C 124 1.49 -0.80 41.50
N PRO C 125 1.78 0.15 40.62
CA PRO C 125 2.79 -0.08 39.60
C PRO C 125 4.21 0.18 40.09
N SER C 126 5.15 -0.52 39.49
CA SER C 126 6.57 -0.22 39.62
C SER C 126 6.98 0.61 38.41
N VAL C 127 7.34 1.86 38.64
CA VAL C 127 7.63 2.81 37.58
C VAL C 127 9.15 2.95 37.43
N PHE C 128 9.65 2.72 36.24
CA PHE C 128 11.06 2.86 35.94
C PHE C 128 11.23 3.89 34.83
N PRO C 129 12.34 4.62 34.79
CA PRO C 129 12.51 5.59 33.72
C PRO C 129 13.11 4.94 32.48
N LEU C 130 12.63 5.40 31.33
CA LEU C 130 13.16 4.95 30.05
C LEU C 130 14.06 6.07 29.58
N ALA C 131 15.35 5.94 29.87
CA ALA C 131 16.30 6.98 29.54
C ALA C 131 16.36 7.11 28.01
N PRO C 132 16.65 8.30 27.50
CA PRO C 132 16.41 8.54 26.08
C PRO C 132 17.19 7.65 25.14
N SER C 133 16.61 7.47 23.96
CA SER C 133 17.29 6.94 22.78
C SER C 133 16.60 7.66 21.63
N SER C 134 17.25 7.70 20.47
CA SER C 134 16.79 8.63 19.45
C SER C 134 16.31 7.93 18.18
N LYS C 135 15.66 8.73 17.33
CA LYS C 135 15.28 8.32 15.98
C LYS C 135 15.02 9.55 15.11
N THR C 141 16.24 14.83 17.42
CA THR C 141 14.91 14.52 17.91
C THR C 141 14.97 13.14 18.54
N ALA C 142 14.69 13.04 19.84
CA ALA C 142 14.84 11.79 20.58
C ALA C 142 13.54 11.43 21.29
N ALA C 143 13.48 10.18 21.75
CA ALA C 143 12.34 9.63 22.48
C ALA C 143 12.74 9.21 23.88
N LEU C 144 11.98 9.66 24.88
CA LEU C 144 12.22 9.27 26.25
C LEU C 144 10.89 8.93 26.89
N GLY C 145 10.94 8.19 27.99
CA GLY C 145 9.69 7.82 28.63
C GLY C 145 9.94 7.20 29.99
N CYS C 146 8.90 6.55 30.51
CA CYS C 146 9.01 5.78 31.73
C CYS C 146 8.07 4.59 31.65
N LEU C 147 8.53 3.43 32.11
CA LEU C 147 7.81 2.17 31.99
C LEU C 147 7.00 1.92 33.25
N VAL C 148 5.73 1.61 33.08
CA VAL C 148 4.78 1.42 34.18
C VAL C 148 4.45 -0.07 34.22
N LYS C 149 5.12 -0.80 35.10
CA LYS C 149 5.10 -2.27 35.13
C LYS C 149 4.27 -2.82 36.28
N ASP C 150 3.62 -3.95 36.00
CA ASP C 150 3.05 -4.85 37.00
C ASP C 150 2.09 -4.13 37.96
N TYR C 151 0.98 -3.66 37.40
CA TYR C 151 -0.12 -3.15 38.21
C TYR C 151 -1.39 -3.94 37.93
N PHE C 152 -2.38 -3.76 38.79
CA PHE C 152 -3.71 -4.32 38.59
C PHE C 152 -4.67 -3.60 39.52
N PRO C 153 -5.87 -3.21 39.06
CA PRO C 153 -6.34 -3.31 37.67
C PRO C 153 -6.06 -2.05 36.85
N GLU C 154 -6.54 -2.05 35.61
CA GLU C 154 -6.59 -0.83 34.83
C GLU C 154 -7.56 0.17 35.47
N PRO C 155 -7.39 1.48 35.19
CA PRO C 155 -6.38 2.10 34.34
C PRO C 155 -5.23 2.71 35.12
N VAL C 156 -4.22 3.15 34.39
CA VAL C 156 -3.19 4.03 34.91
C VAL C 156 -3.24 5.32 34.10
N THR C 157 -3.07 6.46 34.78
CA THR C 157 -2.94 7.73 34.09
C THR C 157 -1.52 8.23 34.27
N VAL C 158 -0.97 8.79 33.19
CA VAL C 158 0.36 9.39 33.21
C VAL C 158 0.25 10.78 32.64
N SER C 159 0.83 11.75 33.34
CA SER C 159 1.09 13.06 32.79
C SER C 159 2.58 13.35 32.91
N TRP C 160 3.03 14.40 32.24
CA TRP C 160 4.43 14.77 32.23
C TRP C 160 4.57 16.22 32.68
N ASN C 161 5.56 16.45 33.55
CA ASN C 161 5.81 17.78 34.13
C ASN C 161 4.52 18.38 34.70
N SER C 162 3.76 17.55 35.42
CA SER C 162 2.52 17.96 36.08
C SER C 162 1.47 18.40 35.09
N GLY C 163 1.53 17.84 33.87
CA GLY C 163 0.61 18.17 32.83
C GLY C 163 1.01 19.34 31.97
N ALA C 164 2.08 20.05 32.34
CA ALA C 164 2.54 21.19 31.55
C ALA C 164 3.09 20.76 30.20
N LEU C 165 3.46 19.50 30.06
CA LEU C 165 4.04 18.97 28.84
C LEU C 165 3.05 18.04 28.16
N THR C 166 2.61 18.43 26.96
CA THR C 166 1.72 17.61 26.14
C THR C 166 2.26 17.37 24.75
N SER C 167 3.22 18.18 24.28
CA SER C 167 3.74 18.07 22.94
C SER C 167 4.42 16.73 22.71
N GLY C 168 3.92 15.97 21.74
CA GLY C 168 4.53 14.70 21.39
C GLY C 168 4.42 13.64 22.47
N VAL C 169 3.49 13.81 23.40
CA VAL C 169 3.29 12.85 24.47
C VAL C 169 2.31 11.80 23.99
N HIS C 170 2.70 10.53 24.12
CA HIS C 170 1.87 9.43 23.66
C HIS C 170 1.97 8.30 24.68
N THR C 171 0.88 8.02 25.37
CA THR C 171 0.83 6.98 26.38
C THR C 171 0.19 5.75 25.75
N PHE C 172 0.96 4.66 25.68
CA PHE C 172 0.55 3.48 24.94
C PHE C 172 -0.50 2.69 25.72
N PRO C 173 -1.45 2.06 25.03
CA PRO C 173 -2.39 1.17 25.70
C PRO C 173 -1.65 0.03 26.38
N ALA C 174 -2.13 -0.34 27.57
CA ALA C 174 -1.44 -1.32 28.39
C ALA C 174 -1.52 -2.72 27.78
N VAL C 175 -0.49 -3.50 28.06
CA VAL C 175 -0.48 -4.92 27.71
C VAL C 175 -0.93 -5.72 28.92
N LEU C 176 -1.62 -6.82 28.68
CA LEU C 176 -2.00 -7.74 29.73
C LEU C 176 -0.97 -8.87 29.77
N GLN C 177 -0.22 -8.94 30.87
CA GLN C 177 0.82 -9.94 31.00
C GLN C 177 0.23 -11.30 31.36
N SER C 178 1.03 -12.34 31.12
CA SER C 178 0.62 -13.69 31.50
C SER C 178 0.60 -13.88 33.01
N SER C 179 1.30 -13.03 33.76
CA SER C 179 1.24 -13.05 35.22
C SER C 179 -0.04 -12.46 35.79
N GLY C 180 -0.96 -12.01 34.94
CA GLY C 180 -2.19 -11.38 35.40
C GLY C 180 -2.09 -9.90 35.69
N LEU C 181 -0.92 -9.29 35.51
CA LEU C 181 -0.71 -7.88 35.80
C LEU C 181 -0.56 -7.09 34.51
N TYR C 182 -0.84 -5.79 34.60
CA TYR C 182 -0.76 -4.91 33.44
C TYR C 182 0.56 -4.16 33.40
N SER C 183 0.98 -3.81 32.19
CA SER C 183 2.13 -2.95 31.97
C SER C 183 1.84 -2.03 30.80
N LEU C 184 2.24 -0.77 30.93
CA LEU C 184 2.15 0.17 29.82
C LEU C 184 3.36 1.10 29.85
N SER C 185 3.51 1.85 28.78
CA SER C 185 4.58 2.83 28.65
C SER C 185 3.99 4.16 28.20
N SER C 186 4.61 5.25 28.67
CA SER C 186 4.31 6.59 28.21
C SER C 186 5.61 7.20 27.69
N VAL C 187 5.61 7.61 26.42
CA VAL C 187 6.81 8.09 25.77
C VAL C 187 6.55 9.48 25.20
N VAL C 188 7.59 10.30 25.23
CA VAL C 188 7.52 11.64 24.66
C VAL C 188 8.74 11.84 23.79
N THR C 189 8.56 12.59 22.71
CA THR C 189 9.63 12.88 21.78
C THR C 189 9.87 14.38 21.82
N VAL C 190 11.14 14.75 21.91
CA VAL C 190 11.50 16.14 22.23
C VAL C 190 12.72 16.58 21.45
N PRO C 191 12.98 17.89 21.38
CA PRO C 191 14.24 18.35 20.81
C PRO C 191 15.39 17.93 21.71
N SER C 192 16.41 17.34 21.11
CA SER C 192 17.54 16.82 21.87
C SER C 192 18.36 17.92 22.54
N SER C 193 18.36 19.12 21.95
CA SER C 193 19.11 20.23 22.53
C SER C 193 18.66 20.50 23.96
N SER C 194 17.37 20.34 24.23
CA SER C 194 16.82 20.66 25.54
C SER C 194 17.10 19.59 26.59
N LEU C 195 17.76 18.49 26.24
CA LEU C 195 18.03 17.46 27.22
C LEU C 195 18.93 17.97 28.34
N GLY C 196 19.87 18.87 28.01
CA GLY C 196 20.75 19.41 29.02
C GLY C 196 20.08 20.38 29.98
N THR C 197 18.93 20.94 29.59
CA THR C 197 18.24 21.94 30.38
C THR C 197 16.85 21.54 30.85
N GLN C 198 16.23 20.52 30.26
CA GLN C 198 14.84 20.24 30.55
C GLN C 198 14.68 19.13 31.57
N THR C 199 13.77 19.37 32.50
CA THR C 199 13.42 18.43 33.55
C THR C 199 12.16 17.71 33.09
N TYR C 200 12.25 16.39 32.93
CA TYR C 200 11.11 15.59 32.50
C TYR C 200 10.78 14.63 33.62
N ILE C 201 9.64 14.84 34.26
CA ILE C 201 9.17 14.00 35.35
C ILE C 201 7.79 13.48 34.97
N CYS C 202 7.65 12.16 34.91
CA CYS C 202 6.39 11.53 34.53
C CYS C 202 5.58 11.21 35.79
N ASN C 203 4.34 11.68 35.82
CA ASN C 203 3.47 11.52 36.99
C ASN C 203 2.54 10.35 36.72
N VAL C 204 2.84 9.21 37.33
CA VAL C 204 2.02 8.01 37.17
C VAL C 204 1.00 7.99 38.30
N ASN C 205 -0.25 7.71 37.96
CA ASN C 205 -1.34 7.69 38.93
C ASN C 205 -2.14 6.42 38.75
N HIS C 206 -2.30 5.66 39.83
CA HIS C 206 -3.03 4.38 39.83
C HIS C 206 -4.06 4.41 40.95
N LYS C 207 -5.23 5.00 40.67
CA LYS C 207 -6.26 5.16 41.69
C LYS C 207 -6.78 3.87 42.31
N PRO C 208 -6.92 2.74 41.58
CA PRO C 208 -7.41 1.52 42.25
C PRO C 208 -6.58 1.09 43.45
N SER C 209 -5.28 1.37 43.46
CA SER C 209 -4.43 1.07 44.60
C SER C 209 -4.00 2.33 45.33
N ASN C 210 -4.48 3.51 44.90
CA ASN C 210 -4.13 4.79 45.53
C ASN C 210 -2.62 4.98 45.55
N THR C 211 -1.97 4.66 44.44
CA THR C 211 -0.53 4.81 44.30
C THR C 211 -0.24 5.96 43.35
N LYS C 212 0.66 6.84 43.75
CA LYS C 212 1.16 7.92 42.91
C LYS C 212 2.68 7.85 42.88
N VAL C 213 3.25 7.96 41.69
CA VAL C 213 4.70 7.95 41.53
C VAL C 213 5.10 9.10 40.64
N ASP C 214 6.09 9.87 41.07
CA ASP C 214 6.70 10.90 40.26
C ASP C 214 8.15 10.49 40.09
N LYS C 215 8.55 10.23 38.84
CA LYS C 215 9.89 9.76 38.53
C LYS C 215 10.49 10.70 37.49
N LYS C 216 11.73 11.11 37.72
CA LYS C 216 12.44 11.94 36.75
C LYS C 216 13.27 11.07 35.82
N VAL C 217 13.21 11.39 34.54
CA VAL C 217 13.88 10.64 33.49
C VAL C 217 15.06 11.49 33.02
N GLU C 218 16.27 11.05 33.34
CA GLU C 218 17.51 11.71 32.97
C GLU C 218 18.24 10.90 31.93
N PRO C 219 19.16 11.49 31.17
CA PRO C 219 19.93 10.69 30.22
C PRO C 219 21.00 9.89 30.93
N LYS C 220 21.48 8.85 30.25
CA LYS C 220 22.54 8.02 30.78
C LYS C 220 23.59 7.78 29.72
N GLN D 1 -20.88 -29.15 13.28
CA GLN D 1 -21.35 -29.73 12.03
C GLN D 1 -20.55 -29.16 10.87
N PHE D 2 -20.64 -27.85 10.68
CA PHE D 2 -19.82 -27.15 9.69
C PHE D 2 -19.15 -25.98 10.39
N VAL D 3 -18.32 -25.27 9.63
CA VAL D 3 -17.56 -24.14 10.15
C VAL D 3 -17.48 -23.08 9.06
N LEU D 4 -17.88 -21.85 9.40
CA LEU D 4 -17.85 -20.75 8.46
C LEU D 4 -16.48 -20.07 8.51
N SER D 5 -15.87 -19.92 7.34
CA SER D 5 -14.50 -19.45 7.20
C SER D 5 -14.50 -18.11 6.46
N GLN D 6 -13.96 -17.09 7.09
CA GLN D 6 -13.80 -15.78 6.48
C GLN D 6 -12.33 -15.41 6.44
N PRO D 7 -11.93 -14.53 5.52
CA PRO D 7 -10.58 -13.97 5.56
C PRO D 7 -10.39 -13.13 6.82
N ASN D 8 -9.13 -12.98 7.23
CA ASN D 8 -8.85 -12.24 8.45
C ASN D 8 -9.06 -10.74 8.27
N SER D 9 -8.46 -10.16 7.22
CA SER D 9 -8.56 -8.73 7.00
C SER D 9 -8.42 -8.43 5.51
N VAL D 10 -9.28 -7.54 5.01
CA VAL D 10 -9.24 -7.06 3.64
C VAL D 10 -9.27 -5.54 3.67
N SER D 11 -8.68 -4.93 2.66
CA SER D 11 -8.55 -3.48 2.62
C SER D 11 -8.84 -2.94 1.23
N THR D 12 -9.50 -1.79 1.19
CA THR D 12 -9.88 -1.11 -0.04
C THR D 12 -9.76 0.40 0.18
N ASN D 13 -10.33 1.18 -0.72
CA ASN D 13 -10.33 2.63 -0.63
C ASN D 13 -11.75 3.17 -0.74
N LEU D 14 -11.88 4.47 -0.56
CA LEU D 14 -13.17 5.13 -0.63
C LEU D 14 -13.79 4.96 -2.01
N GLY D 15 -15.13 4.95 -2.04
CA GLY D 15 -15.86 4.85 -3.28
C GLY D 15 -15.77 3.53 -4.01
N SER D 16 -14.82 2.67 -3.65
CA SER D 16 -14.58 1.43 -4.38
C SER D 16 -15.58 0.35 -3.94
N THR D 17 -15.33 -0.89 -4.37
CA THR D 17 -16.22 -2.00 -4.11
C THR D 17 -15.41 -3.19 -3.60
N VAL D 18 -15.95 -3.90 -2.61
CA VAL D 18 -15.29 -5.07 -2.03
C VAL D 18 -16.32 -6.17 -1.84
N LYS D 19 -15.85 -7.42 -1.91
CA LYS D 19 -16.70 -8.58 -1.67
C LYS D 19 -16.08 -9.41 -0.55
N LEU D 20 -16.82 -9.57 0.53
CA LEU D 20 -16.41 -10.36 1.68
C LEU D 20 -17.02 -11.76 1.58
N LEU D 21 -16.19 -12.78 1.68
CA LEU D 21 -16.64 -14.15 1.47
C LEU D 21 -16.76 -14.91 2.78
N CYS D 22 -17.53 -16.00 2.75
CA CYS D 22 -17.86 -16.81 3.93
C CYS D 22 -18.06 -18.25 3.47
N LYS D 23 -16.95 -18.93 3.20
CA LYS D 23 -17.03 -20.32 2.75
C LYS D 23 -17.55 -21.22 3.87
N ARG D 24 -18.15 -22.35 3.47
CA ARG D 24 -18.70 -23.33 4.40
C ARG D 24 -17.89 -24.63 4.31
N SER D 25 -17.64 -25.23 5.48
CA SER D 25 -16.77 -26.39 5.57
C SER D 25 -17.43 -27.64 4.98
N THR D 26 -18.67 -27.91 5.38
CA THR D 26 -19.39 -29.09 4.93
C THR D 26 -20.85 -28.73 4.65
N GLY D 27 -21.43 -29.44 3.70
CA GLY D 27 -22.82 -29.20 3.38
C GLY D 27 -23.00 -28.06 2.39
N ASN D 28 -24.27 -27.70 2.21
CA ASN D 28 -24.69 -26.68 1.27
C ASN D 28 -24.89 -25.37 2.01
N ILE D 29 -24.21 -24.31 1.56
CA ILE D 29 -24.42 -22.99 2.15
C ILE D 29 -25.87 -22.58 2.03
N GLY D 30 -26.56 -23.09 1.00
CA GLY D 30 -27.96 -22.83 0.76
C GLY D 30 -28.93 -23.64 1.57
N SER D 31 -28.43 -24.56 2.41
CA SER D 31 -29.33 -25.36 3.24
C SER D 31 -30.00 -24.50 4.30
N ASN D 32 -29.24 -23.59 4.92
CA ASN D 32 -29.76 -22.76 5.99
C ASN D 32 -29.48 -21.29 5.68
N TYR D 33 -30.19 -20.42 6.37
CA TYR D 33 -30.08 -18.99 6.14
C TYR D 33 -28.74 -18.45 6.63
N VAL D 34 -28.20 -17.48 5.91
CA VAL D 34 -26.92 -16.85 6.25
C VAL D 34 -27.18 -15.41 6.63
N SER D 35 -26.44 -14.92 7.63
CA SER D 35 -26.64 -13.60 8.19
C SER D 35 -25.30 -12.91 8.40
N TRP D 36 -25.29 -11.59 8.22
CA TRP D 36 -24.08 -10.78 8.31
C TRP D 36 -24.27 -9.69 9.36
N TYR D 37 -23.24 -9.50 10.19
CA TYR D 37 -23.28 -8.53 11.29
C TYR D 37 -22.02 -7.66 11.24
N GLN D 38 -22.21 -6.35 11.39
CA GLN D 38 -21.11 -5.40 11.46
C GLN D 38 -20.81 -5.07 12.93
N HIS D 39 -19.52 -5.01 13.27
CA HIS D 39 -19.10 -4.80 14.65
C HIS D 39 -18.03 -3.72 14.71
N HIS D 40 -18.27 -2.70 15.53
CA HIS D 40 -17.29 -1.67 15.81
C HIS D 40 -16.73 -1.86 17.22
N GLU D 41 -15.51 -1.38 17.43
CA GLU D 41 -14.86 -1.50 18.73
C GLU D 41 -15.62 -0.68 19.77
N GLY D 42 -15.89 -1.30 20.91
CA GLY D 42 -16.64 -0.63 21.96
C GLY D 42 -18.05 -0.25 21.58
N ARG D 43 -18.66 -0.96 20.65
CA ARG D 43 -19.99 -0.66 20.16
C ARG D 43 -20.74 -1.96 19.92
N SER D 44 -22.05 -1.93 20.13
CA SER D 44 -22.87 -3.12 19.97
C SER D 44 -23.05 -3.48 18.50
N PRO D 45 -22.98 -4.76 18.15
CA PRO D 45 -23.13 -5.16 16.75
C PRO D 45 -24.53 -4.88 16.23
N THR D 46 -24.61 -4.61 14.93
CA THR D 46 -25.88 -4.45 14.24
C THR D 46 -25.97 -5.43 13.08
N THR D 47 -27.17 -5.91 12.82
CA THR D 47 -27.42 -6.84 11.72
C THR D 47 -27.46 -6.09 10.40
N MET D 48 -26.70 -6.58 9.42
CA MET D 48 -26.65 -5.94 8.10
C MET D 48 -27.34 -6.74 7.01
N ILE D 49 -27.39 -8.07 7.13
CA ILE D 49 -27.96 -8.94 6.11
C ILE D 49 -28.61 -10.13 6.80
N TYR D 50 -29.88 -10.38 6.50
CA TYR D 50 -30.60 -11.52 7.03
C TYR D 50 -31.23 -12.29 5.89
N ARG D 51 -31.45 -13.60 6.11
CA ARG D 51 -32.01 -14.49 5.10
C ARG D 51 -31.26 -14.33 3.77
N ASP D 52 -29.95 -14.61 3.84
CA ASP D 52 -29.05 -14.69 2.70
C ASP D 52 -28.80 -13.35 2.00
N ASP D 53 -29.86 -12.57 1.72
CA ASP D 53 -29.69 -11.38 0.90
C ASP D 53 -30.76 -10.32 1.18
N GLN D 54 -31.16 -10.18 2.44
CA GLN D 54 -32.09 -9.12 2.83
C GLN D 54 -31.48 -8.24 3.92
N ARG D 55 -31.67 -6.92 3.79
CA ARG D 55 -31.14 -5.98 4.76
C ARG D 55 -32.27 -5.23 5.47
N PRO D 56 -32.24 -5.12 6.80
CA PRO D 56 -33.31 -4.43 7.52
C PRO D 56 -33.30 -2.93 7.24
N ASP D 57 -34.33 -2.27 7.77
CA ASP D 57 -34.46 -0.83 7.59
C ASP D 57 -33.29 -0.09 8.24
N GLY D 58 -32.88 1.01 7.59
CA GLY D 58 -31.78 1.83 8.06
C GLY D 58 -30.43 1.48 7.48
N VAL D 59 -30.17 0.20 7.22
CA VAL D 59 -28.91 -0.20 6.61
C VAL D 59 -28.78 0.47 5.24
N PRO D 60 -27.62 1.00 4.88
CA PRO D 60 -27.49 1.74 3.61
C PRO D 60 -27.62 0.86 2.37
N ASP D 61 -27.86 1.54 1.25
CA ASP D 61 -28.07 0.87 -0.04
C ASP D 61 -26.82 0.13 -0.50
N ARG D 62 -25.64 0.57 -0.06
CA ARG D 62 -24.39 -0.02 -0.51
C ARG D 62 -24.30 -1.51 -0.19
N PHE D 63 -24.80 -1.92 0.97
CA PHE D 63 -24.61 -3.30 1.42
C PHE D 63 -25.58 -4.24 0.73
N SER D 64 -25.07 -5.39 0.28
CA SER D 64 -25.88 -6.36 -0.44
C SER D 64 -25.33 -7.76 -0.17
N GLY D 65 -26.23 -8.73 -0.15
CA GLY D 65 -25.87 -10.11 0.11
C GLY D 65 -26.16 -11.04 -1.03
N SER D 66 -25.43 -12.16 -1.10
CA SER D 66 -25.61 -13.13 -2.17
C SER D 66 -25.19 -14.50 -1.68
N ILE D 67 -25.40 -15.50 -2.53
CA ILE D 67 -24.98 -16.87 -2.30
C ILE D 67 -24.35 -17.39 -3.57
N ASP D 68 -23.19 -18.04 -3.45
CA ASP D 68 -22.48 -18.59 -4.60
C ASP D 68 -22.27 -20.08 -4.34
N ARG D 69 -23.08 -20.90 -5.03
CA ARG D 69 -23.06 -22.34 -4.84
C ARG D 69 -21.88 -23.01 -5.52
N SER D 70 -21.24 -22.35 -6.49
CA SER D 70 -20.04 -22.90 -7.11
C SER D 70 -18.89 -23.02 -6.11
N SER D 71 -18.80 -22.08 -5.17
CA SER D 71 -17.78 -22.11 -4.13
C SER D 71 -18.35 -22.43 -2.75
N ASN D 72 -19.63 -22.80 -2.67
CA ASN D 72 -20.28 -23.16 -1.41
C ASN D 72 -20.13 -22.06 -0.36
N SER D 73 -20.05 -20.81 -0.80
CA SER D 73 -19.79 -19.68 0.07
C SER D 73 -20.90 -18.64 -0.06
N ALA D 74 -20.86 -17.67 0.85
CA ALA D 74 -21.72 -16.50 0.79
C ALA D 74 -20.85 -15.26 0.60
N LEU D 75 -21.47 -14.20 0.10
CA LEU D 75 -20.74 -12.97 -0.24
C LEU D 75 -21.46 -11.76 0.33
N LEU D 76 -20.71 -10.87 0.96
CA LEU D 76 -21.18 -9.55 1.34
C LEU D 76 -20.46 -8.53 0.47
N THR D 77 -21.23 -7.71 -0.24
CA THR D 77 -20.70 -6.75 -1.19
C THR D 77 -20.93 -5.34 -0.66
N ILE D 78 -19.91 -4.50 -0.74
CA ILE D 78 -19.97 -3.12 -0.27
C ILE D 78 -19.57 -2.21 -1.43
N ASP D 79 -20.55 -1.50 -1.99
CA ASP D 79 -20.30 -0.50 -3.01
C ASP D 79 -20.04 0.86 -2.36
N ASN D 80 -19.29 1.70 -3.07
CA ASN D 80 -19.05 3.09 -2.67
C ASN D 80 -18.66 3.19 -1.20
N VAL D 81 -17.54 2.53 -0.87
CA VAL D 81 -17.14 2.38 0.52
C VAL D 81 -16.98 3.74 1.18
N GLN D 82 -17.41 3.83 2.43
CA GLN D 82 -17.27 5.04 3.23
C GLN D 82 -16.26 4.77 4.35
N THR D 83 -15.72 5.86 4.90
CA THR D 83 -14.76 5.73 6.00
C THR D 83 -15.37 5.02 7.20
N GLU D 84 -16.63 5.35 7.51
CA GLU D 84 -17.34 4.72 8.62
C GLU D 84 -17.46 3.21 8.48
N ASP D 85 -17.29 2.67 7.26
CA ASP D 85 -17.42 1.23 7.03
C ASP D 85 -16.22 0.43 7.51
N GLU D 86 -15.13 1.06 7.92
CA GLU D 86 -14.01 0.31 8.46
C GLU D 86 -14.45 -0.33 9.77
N ALA D 87 -14.65 -1.65 9.75
CA ALA D 87 -15.20 -2.38 10.88
C ALA D 87 -14.95 -3.86 10.66
N ALA D 88 -15.62 -4.69 11.45
CA ALA D 88 -15.54 -6.14 11.34
C ALA D 88 -16.90 -6.70 10.96
N TYR D 89 -16.91 -7.66 10.05
CA TYR D 89 -18.13 -8.25 9.53
C TYR D 89 -18.11 -9.74 9.73
N PHE D 90 -19.18 -10.26 10.35
CA PHE D 90 -19.30 -11.67 10.70
C PHE D 90 -20.46 -12.28 9.94
N CYS D 91 -20.20 -13.39 9.25
CA CYS D 91 -21.27 -14.19 8.69
C CYS D 91 -21.70 -15.23 9.71
N HIS D 92 -22.95 -15.68 9.57
CA HIS D 92 -23.54 -16.54 10.57
C HIS D 92 -24.49 -17.53 9.92
N SER D 93 -24.57 -18.73 10.48
CA SER D 93 -25.50 -19.74 10.05
C SER D 93 -25.83 -20.67 11.21
N TYR D 94 -27.01 -21.27 11.16
CA TYR D 94 -27.54 -22.12 12.21
C TYR D 94 -27.87 -23.49 11.65
N SER D 95 -27.65 -24.53 12.45
CA SER D 95 -28.00 -25.89 12.01
C SER D 95 -28.14 -26.80 13.22
N THR D 96 -29.34 -27.33 13.41
CA THR D 96 -29.65 -28.35 14.43
C THR D 96 -29.10 -27.96 15.81
N GLY D 97 -29.66 -26.88 16.34
CA GLY D 97 -29.36 -26.40 17.67
C GLY D 97 -27.91 -26.05 17.95
N MET D 98 -27.23 -25.47 16.97
CA MET D 98 -25.93 -24.85 17.20
C MET D 98 -25.79 -23.67 16.24
N TYR D 99 -25.22 -22.59 16.73
CA TYR D 99 -25.06 -21.36 15.95
C TYR D 99 -23.59 -21.19 15.60
N ILE D 100 -23.29 -21.23 14.32
CA ILE D 100 -21.92 -21.17 13.81
C ILE D 100 -21.62 -19.76 13.34
N PHE D 101 -20.58 -19.15 13.90
CA PHE D 101 -20.10 -17.85 13.46
C PHE D 101 -18.84 -18.02 12.63
N GLY D 102 -18.62 -17.07 11.72
CA GLY D 102 -17.39 -17.05 10.97
C GLY D 102 -16.28 -16.39 11.76
N GLY D 103 -15.05 -16.52 11.24
CA GLY D 103 -13.92 -15.91 11.91
C GLY D 103 -13.94 -14.40 11.88
N GLY D 104 -14.73 -13.80 10.99
CA GLY D 104 -14.78 -12.36 10.85
C GLY D 104 -13.66 -11.82 9.97
N THR D 105 -13.93 -10.72 9.27
CA THR D 105 -12.96 -10.09 8.40
C THR D 105 -12.85 -8.62 8.80
N LYS D 106 -11.66 -8.21 9.25
CA LYS D 106 -11.48 -6.82 9.65
C LYS D 106 -11.31 -5.98 8.39
N LEU D 107 -12.33 -5.20 8.05
CA LEU D 107 -12.26 -4.33 6.89
C LEU D 107 -11.46 -3.09 7.23
N THR D 108 -10.37 -2.85 6.50
CA THR D 108 -9.59 -1.64 6.63
C THR D 108 -9.91 -0.74 5.45
N VAL D 109 -10.31 0.50 5.74
CA VAL D 109 -10.61 1.48 4.70
C VAL D 109 -9.43 2.44 4.66
N LEU D 110 -8.56 2.28 3.67
CA LEU D 110 -7.31 3.02 3.57
C LEU D 110 -7.60 4.47 3.21
N GLY D 111 -7.50 5.36 4.19
CA GLY D 111 -7.80 6.77 3.99
C GLY D 111 -6.63 7.71 3.96
N GLN D 112 -5.40 7.21 3.85
CA GLN D 112 -4.22 8.06 3.91
C GLN D 112 -3.04 7.28 3.34
N PRO D 113 -1.92 7.95 3.03
CA PRO D 113 -0.79 7.23 2.44
C PRO D 113 -0.19 6.21 3.41
N LYS D 114 0.56 5.28 2.85
CA LYS D 114 1.20 4.26 3.66
C LYS D 114 2.45 4.83 4.30
N ALA D 115 2.72 4.41 5.54
CA ALA D 115 3.87 4.91 6.27
C ALA D 115 4.59 3.74 6.92
N ALA D 116 5.91 3.82 6.98
CA ALA D 116 6.69 2.80 7.66
C ALA D 116 6.72 3.09 9.15
N PRO D 117 6.82 2.06 9.98
CA PRO D 117 6.79 2.28 11.43
C PRO D 117 8.05 2.97 11.92
N SER D 118 7.88 3.82 12.92
CA SER D 118 9.00 4.34 13.71
C SER D 118 9.26 3.39 14.87
N VAL D 119 10.51 2.96 15.01
CA VAL D 119 10.88 1.91 15.95
C VAL D 119 11.96 2.45 16.88
N THR D 120 11.67 2.45 18.18
CA THR D 120 12.62 2.83 19.21
C THR D 120 12.70 1.72 20.23
N LEU D 121 13.92 1.30 20.58
CA LEU D 121 14.14 0.17 21.46
C LEU D 121 14.89 0.65 22.70
N PHE D 122 14.29 0.42 23.89
CA PHE D 122 14.89 0.77 25.16
C PHE D 122 15.43 -0.47 25.86
N PRO D 123 16.65 -0.42 26.37
CA PRO D 123 17.16 -1.54 27.17
C PRO D 123 16.62 -1.46 28.59
N PRO D 124 16.85 -2.48 29.41
CA PRO D 124 16.43 -2.37 30.82
C PRO D 124 17.11 -1.20 31.49
N SER D 125 16.37 -0.51 32.35
CA SER D 125 16.95 0.60 33.09
C SER D 125 17.86 0.07 34.18
N SER D 126 18.86 0.88 34.55
CA SER D 126 19.76 0.44 35.61
C SER D 126 18.97 0.19 36.89
N GLU D 127 17.97 1.03 37.14
CA GLU D 127 17.10 0.86 38.29
C GLU D 127 16.38 -0.48 38.24
N GLU D 128 15.89 -0.88 37.07
CA GLU D 128 15.23 -2.18 36.95
C GLU D 128 16.22 -3.32 37.15
N LEU D 129 17.43 -3.15 36.60
CA LEU D 129 18.44 -4.20 36.75
C LEU D 129 18.83 -4.38 38.20
N GLN D 130 18.87 -3.28 38.96
CA GLN D 130 19.20 -3.36 40.38
C GLN D 130 18.08 -3.97 41.20
N ALA D 131 16.84 -3.95 40.69
CA ALA D 131 15.71 -4.60 41.35
C ALA D 131 15.56 -6.07 40.95
N ASN D 132 16.56 -6.64 40.27
CA ASN D 132 16.62 -8.05 39.89
C ASN D 132 15.58 -8.41 38.81
N LYS D 133 15.26 -7.47 37.93
CA LYS D 133 14.38 -7.74 36.80
C LYS D 133 14.91 -6.97 35.60
N ALA D 134 14.43 -7.34 34.42
CA ALA D 134 14.93 -6.77 33.17
C ALA D 134 13.86 -6.88 32.11
N THR D 135 13.55 -5.75 31.46
CA THR D 135 12.53 -5.69 30.43
C THR D 135 13.03 -4.86 29.26
N LEU D 136 12.92 -5.41 28.05
CA LEU D 136 13.14 -4.64 26.84
C LEU D 136 11.83 -4.03 26.38
N VAL D 137 11.88 -2.78 25.93
CA VAL D 137 10.70 -2.04 25.54
C VAL D 137 10.90 -1.54 24.12
N CYS D 138 10.07 -2.03 23.20
CA CYS D 138 10.15 -1.69 21.79
C CYS D 138 8.88 -0.92 21.41
N LEU D 139 9.03 0.37 21.14
CA LEU D 139 7.90 1.23 20.84
C LEU D 139 7.81 1.47 19.34
N ILE D 140 6.64 1.19 18.77
CA ILE D 140 6.40 1.23 17.34
C ILE D 140 5.31 2.25 17.09
N SER D 141 5.61 3.28 16.29
CA SER D 141 4.68 4.38 16.09
C SER D 141 4.73 4.86 14.64
N ASP D 142 3.67 5.56 14.25
CA ASP D 142 3.63 6.33 13.00
C ASP D 142 3.62 5.43 11.76
N PHE D 143 2.91 4.31 11.85
CA PHE D 143 2.70 3.45 10.69
C PHE D 143 1.23 3.42 10.30
N TYR D 144 0.99 3.18 9.00
CA TYR D 144 -0.32 3.01 8.42
C TYR D 144 -0.08 2.01 7.30
N PRO D 145 -0.93 0.98 7.14
CA PRO D 145 -2.08 0.59 7.96
C PRO D 145 -1.67 0.06 9.34
N GLY D 146 -2.64 -0.06 10.24
CA GLY D 146 -2.34 -0.50 11.59
C GLY D 146 -2.27 -2.01 11.75
N ALA D 147 -1.32 -2.65 11.07
CA ALA D 147 -1.08 -4.07 11.23
C ALA D 147 0.40 -4.35 11.04
N VAL D 148 1.07 -4.75 12.12
CA VAL D 148 2.48 -5.10 12.08
C VAL D 148 2.65 -6.43 12.79
N THR D 149 3.76 -7.10 12.49
CA THR D 149 4.20 -8.25 13.25
C THR D 149 5.59 -7.97 13.82
N VAL D 150 5.84 -8.47 15.02
CA VAL D 150 7.06 -8.19 15.75
C VAL D 150 7.76 -9.49 16.07
N ALA D 151 9.06 -9.53 15.82
CA ALA D 151 9.90 -10.68 16.19
C ALA D 151 11.11 -10.18 16.94
N TRP D 152 11.49 -10.89 18.00
CA TRP D 152 12.63 -10.54 18.83
C TRP D 152 13.74 -11.53 18.57
N LYS D 153 14.98 -11.07 18.69
CA LYS D 153 16.14 -11.95 18.60
C LYS D 153 17.10 -11.66 19.75
N ALA D 154 17.64 -12.72 20.33
CA ALA D 154 18.69 -12.62 21.32
C ALA D 154 19.98 -12.99 20.61
N ASP D 155 20.89 -12.02 20.52
CA ASP D 155 22.02 -12.12 19.60
C ASP D 155 21.44 -12.27 18.21
N SER D 156 21.56 -13.46 17.63
CA SER D 156 20.97 -13.75 16.33
C SER D 156 19.86 -14.78 16.38
N SER D 157 19.52 -15.29 17.56
CA SER D 157 18.55 -16.38 17.55
C SER D 157 17.18 -15.89 18.00
N PRO D 158 16.11 -16.40 17.39
CA PRO D 158 14.75 -15.95 17.76
C PRO D 158 14.39 -16.31 19.19
N VAL D 159 13.66 -15.41 19.85
CA VAL D 159 13.21 -15.60 21.22
C VAL D 159 11.75 -16.04 21.21
N LYS D 160 11.47 -17.15 21.89
CA LYS D 160 10.14 -17.76 21.88
C LYS D 160 9.39 -17.61 23.21
N ALA D 161 9.94 -16.92 24.19
CA ALA D 161 9.29 -16.80 25.48
C ALA D 161 9.52 -15.41 26.07
N GLY D 162 8.54 -14.96 26.86
CA GLY D 162 8.65 -13.68 27.53
C GLY D 162 8.22 -12.49 26.70
N VAL D 163 7.62 -12.72 25.54
CA VAL D 163 7.21 -11.66 24.62
C VAL D 163 5.74 -11.36 24.82
N GLU D 164 5.42 -10.08 24.97
CA GLU D 164 4.04 -9.62 25.05
C GLU D 164 3.90 -8.42 24.13
N THR D 165 2.96 -8.49 23.19
CA THR D 165 2.80 -7.45 22.19
C THR D 165 1.35 -6.99 22.19
N THR D 166 1.17 -5.67 22.15
CA THR D 166 -0.17 -5.10 22.14
C THR D 166 -0.75 -5.16 20.73
N THR D 167 -2.08 -5.18 20.67
CA THR D 167 -2.72 -4.92 19.40
C THR D 167 -2.43 -3.49 18.97
N PRO D 168 -2.24 -3.24 17.67
CA PRO D 168 -1.98 -1.87 17.19
C PRO D 168 -3.08 -0.90 17.63
N SER D 169 -2.65 0.32 17.93
CA SER D 169 -3.51 1.34 18.54
C SER D 169 -3.48 2.67 17.80
N LYS D 170 -4.62 3.33 17.82
CA LYS D 170 -4.85 4.56 17.07
C LYS D 170 -4.14 5.76 17.68
N GLN D 171 -3.33 6.47 16.88
CA GLN D 171 -2.65 7.68 17.33
C GLN D 171 -3.53 8.91 17.15
N SER D 172 -3.01 10.08 17.52
CA SER D 172 -3.77 11.33 17.43
C SER D 172 -4.04 11.73 15.98
N ASN D 173 -3.03 11.60 15.12
CA ASN D 173 -3.14 11.98 13.72
C ASN D 173 -3.66 10.83 12.86
N ASN D 174 -4.33 9.86 13.47
CA ASN D 174 -4.91 8.70 12.82
C ASN D 174 -3.87 7.68 12.38
N LYS D 175 -2.59 7.94 12.61
CA LYS D 175 -1.58 6.93 12.43
C LYS D 175 -1.70 5.89 13.55
N TYR D 176 -0.92 4.82 13.46
CA TYR D 176 -1.03 3.73 14.41
C TYR D 176 0.26 3.50 15.18
N ALA D 177 0.10 2.89 16.36
CA ALA D 177 1.21 2.58 17.23
C ALA D 177 1.01 1.21 17.87
N ALA D 178 2.11 0.59 18.25
CA ALA D 178 2.07 -0.66 19.01
C ALA D 178 3.31 -0.72 19.89
N SER D 179 3.30 -1.65 20.83
CA SER D 179 4.42 -1.80 21.75
C SER D 179 4.63 -3.28 22.06
N SER D 180 5.88 -3.63 22.31
CA SER D 180 6.25 -5.01 22.59
C SER D 180 7.23 -5.04 23.75
N TYR D 181 7.07 -6.03 24.62
CA TYR D 181 7.89 -6.15 25.82
C TYR D 181 8.55 -7.52 25.86
N LEU D 182 9.84 -7.54 26.16
CA LEU D 182 10.60 -8.77 26.35
C LEU D 182 11.10 -8.80 27.79
N SER D 183 10.74 -9.86 28.52
CA SER D 183 11.17 -10.05 29.90
C SER D 183 12.39 -10.97 29.97
N LEU D 184 13.38 -10.55 30.75
CA LEU D 184 14.62 -11.32 30.92
C LEU D 184 15.01 -11.31 32.39
N THR D 185 15.93 -12.23 32.75
CA THR D 185 16.65 -12.08 34.00
C THR D 185 17.86 -11.17 33.78
N PRO D 186 18.33 -10.50 34.84
CA PRO D 186 19.53 -9.67 34.67
C PRO D 186 20.74 -10.44 34.15
N GLU D 187 20.89 -11.70 34.52
CA GLU D 187 21.98 -12.51 34.00
C GLU D 187 21.75 -12.87 32.54
N GLN D 188 20.48 -13.16 32.19
CA GLN D 188 20.10 -13.40 30.81
C GLN D 188 20.49 -12.22 29.95
N TRP D 189 20.17 -11.03 30.43
CA TRP D 189 20.45 -9.79 29.70
C TRP D 189 21.94 -9.63 29.43
N LYS D 190 22.78 -9.79 30.46
CA LYS D 190 24.22 -9.61 30.30
C LYS D 190 24.88 -10.73 29.50
N SER D 191 24.24 -11.91 29.39
CA SER D 191 24.91 -13.06 28.80
C SER D 191 24.95 -13.01 27.28
N HIS D 192 23.94 -12.42 26.64
CA HIS D 192 23.92 -12.31 25.20
C HIS D 192 24.53 -10.99 24.79
N ARG D 193 25.12 -10.94 23.59
CA ARG D 193 25.77 -9.71 23.17
C ARG D 193 24.77 -8.59 22.91
N SER D 194 23.63 -8.92 22.32
CA SER D 194 22.68 -7.90 21.91
C SER D 194 21.31 -8.52 21.79
N TYR D 195 20.30 -7.63 21.80
CA TYR D 195 18.94 -8.01 21.50
C TYR D 195 18.39 -7.08 20.43
N SER D 196 17.50 -7.61 19.59
CA SER D 196 17.00 -6.84 18.46
C SER D 196 15.49 -6.99 18.36
N CYS D 197 14.83 -5.89 18.00
CA CYS D 197 13.39 -5.86 17.82
C CYS D 197 13.11 -5.61 16.34
N GLN D 198 12.43 -6.56 15.71
CA GLN D 198 12.14 -6.51 14.28
C GLN D 198 10.65 -6.27 14.09
N VAL D 199 10.32 -5.22 13.35
CA VAL D 199 8.94 -4.86 13.06
C VAL D 199 8.71 -5.03 11.58
N THR D 200 7.79 -5.94 11.22
CA THR D 200 7.45 -6.19 9.83
C THR D 200 6.15 -5.45 9.53
N HIS D 201 6.20 -4.58 8.51
CA HIS D 201 5.04 -3.79 8.13
C HIS D 201 4.94 -3.77 6.61
N GLU D 202 3.87 -4.34 6.08
CA GLU D 202 3.66 -4.49 4.65
C GLU D 202 4.85 -5.20 4.00
N GLY D 203 5.25 -6.32 4.61
CA GLY D 203 6.32 -7.16 4.09
C GLY D 203 7.68 -6.53 4.03
N SER D 204 7.93 -5.47 4.81
CA SER D 204 9.24 -4.85 4.89
C SER D 204 9.56 -4.57 6.36
N THR D 205 10.76 -4.94 6.78
CA THR D 205 11.10 -4.98 8.20
C THR D 205 12.04 -3.84 8.58
N VAL D 206 11.78 -3.25 9.75
CA VAL D 206 12.67 -2.28 10.37
C VAL D 206 13.09 -2.87 11.70
N GLU D 207 14.37 -2.77 12.03
CA GLU D 207 14.86 -3.43 13.24
C GLU D 207 15.88 -2.55 13.94
N LYS D 208 15.89 -2.66 15.26
CA LYS D 208 16.82 -1.92 16.11
C LYS D 208 17.44 -2.89 17.11
N THR D 209 18.66 -2.57 17.54
CA THR D 209 19.42 -3.43 18.43
C THR D 209 19.95 -2.61 19.60
N VAL D 210 20.12 -3.28 20.75
CA VAL D 210 20.69 -2.67 21.94
C VAL D 210 21.68 -3.65 22.57
N ALA D 211 22.49 -3.12 23.47
CA ALA D 211 23.52 -3.90 24.14
C ALA D 211 23.63 -3.48 25.59
N PRO D 212 24.10 -4.37 26.46
CA PRO D 212 24.15 -4.05 27.89
C PRO D 212 25.03 -2.84 28.21
N THR D 213 24.55 -2.04 29.15
CA THR D 213 25.28 -0.87 29.63
C THR D 213 26.52 -1.28 30.42
#